data_4BNZ
#
_entry.id   4BNZ
#
_cell.length_a   53.930
_cell.length_b   108.200
_cell.length_c   147.160
_cell.angle_alpha   90.00
_cell.angle_beta   90.00
_cell.angle_gamma   90.00
#
_symmetry.space_group_name_H-M   'P 21 21 21'
#
loop_
_entity.id
_entity.type
_entity.pdbx_description
1 polymer '3-OXOACYL-[ACYL-CARRIER-PROTEIN] REDUCTASE FABG'
2 non-polymer 1-methyl-N-phenyl-indole-3-carboxamide
3 water water
#
_entity_poly.entity_id   1
_entity_poly.type   'polypeptide(L)'
_entity_poly.pdbx_seq_one_letter_code
;MHHHHHHSSGVDLGTENLYFQSMSLQGKVALVTGASRGIGQAIALELGRLGAVVIGTATSASGAEKIAETLKANGVEGAG
LVLDVSSDESVAATLEHIQQHLGQPLIVVNNAGITRDNLLVRMKDDEWFDVVNTNLNSLYRLSKAVLRGMTKARWGRIIN
IGSVVGAMGNAGQTNYAAAKAGLEGFTRALAREVGSRAITVNAVAPGFIDTDMTRELPEAQREALLGQIPLGRLGQAEEI
AKVVGFLASDGAAYVTGATVPVNGGMYMS
;
_entity_poly.pdbx_strand_id   A,B,C,D
#
# COMPACT_ATOMS: atom_id res chain seq x y z
N GLN A 21 34.42 5.82 -9.50
CA GLN A 21 33.83 6.86 -8.61
C GLN A 21 33.70 6.39 -7.11
N SER A 22 32.52 6.51 -6.48
CA SER A 22 32.08 5.73 -5.30
C SER A 22 30.92 4.79 -5.72
N MET A 23 30.47 4.97 -6.96
CA MET A 23 29.65 4.04 -7.71
C MET A 23 30.41 2.76 -8.13
N SER A 24 31.68 2.63 -7.72
CA SER A 24 32.60 1.67 -8.32
C SER A 24 32.42 0.29 -7.71
N LEU A 25 32.41 -0.74 -8.55
CA LEU A 25 32.32 -2.13 -8.10
C LEU A 25 33.61 -2.90 -8.40
N GLN A 26 34.74 -2.18 -8.43
CA GLN A 26 36.01 -2.77 -8.83
C GLN A 26 36.28 -3.87 -7.82
N GLY A 27 36.63 -5.06 -8.25
CA GLY A 27 36.99 -6.12 -7.34
C GLY A 27 35.80 -6.95 -6.91
N LYS A 28 34.62 -6.66 -7.45
CA LYS A 28 33.50 -7.54 -7.17
C LYS A 28 32.99 -8.36 -8.32
N VAL A 29 32.53 -9.54 -7.97
CA VAL A 29 32.00 -10.48 -8.93
C VAL A 29 30.48 -10.34 -8.86
N ALA A 30 29.87 -10.12 -10.02
CA ALA A 30 28.43 -10.04 -10.09
C ALA A 30 27.89 -11.16 -10.97
N LEU A 31 26.80 -11.77 -10.53
CA LEU A 31 26.11 -12.76 -11.30
C LEU A 31 24.77 -12.19 -11.76
N VAL A 32 24.52 -12.21 -13.05
CA VAL A 32 23.30 -11.64 -13.62
C VAL A 32 22.63 -12.70 -14.47
N THR A 33 21.50 -13.18 -14.03
CA THR A 33 20.80 -14.20 -14.76
C THR A 33 20.01 -13.57 -15.92
N GLY A 34 19.77 -14.36 -16.98
CA GLY A 34 18.98 -13.91 -18.11
C GLY A 34 19.68 -12.76 -18.82
N ALA A 35 21.00 -12.88 -19.00
CA ALA A 35 21.82 -11.75 -19.46
C ALA A 35 22.03 -11.63 -20.96
N SER A 36 21.37 -12.46 -21.77
CA SER A 36 21.69 -12.53 -23.19
C SER A 36 20.98 -11.45 -24.03
N ARG A 37 19.87 -10.92 -23.53
CA ARG A 37 19.06 -9.91 -24.24
C ARG A 37 18.44 -8.85 -23.30
N GLY A 38 17.92 -7.78 -23.88
CA GLY A 38 17.15 -6.76 -23.19
C GLY A 38 17.70 -6.27 -21.87
N ILE A 39 16.85 -6.31 -20.86
CA ILE A 39 17.12 -5.76 -19.56
C ILE A 39 18.30 -6.43 -18.90
N GLY A 40 18.33 -7.76 -18.94
CA GLY A 40 19.44 -8.53 -18.40
C GLY A 40 20.77 -8.17 -19.02
N GLN A 41 20.79 -8.02 -20.34
CA GLN A 41 22.01 -7.63 -21.01
C GLN A 41 22.45 -6.28 -20.48
N ALA A 42 21.53 -5.34 -20.48
CA ALA A 42 21.84 -3.97 -20.11
C ALA A 42 22.33 -3.90 -18.65
N ILE A 43 21.73 -4.70 -17.79
CA ILE A 43 22.27 -4.85 -16.40
C ILE A 43 23.69 -5.37 -16.36
N ALA A 44 23.98 -6.37 -17.17
CA ALA A 44 25.34 -6.92 -17.23
C ALA A 44 26.35 -5.87 -17.69
N LEU A 45 26.03 -5.15 -18.76
CA LEU A 45 26.90 -4.08 -19.25
C LEU A 45 27.06 -2.93 -18.25
N GLU A 46 26.00 -2.58 -17.55
CA GLU A 46 26.09 -1.46 -16.61
C GLU A 46 26.95 -1.86 -15.40
N LEU A 47 26.81 -3.08 -14.89
CA LEU A 47 27.69 -3.52 -13.79
C LEU A 47 29.13 -3.65 -14.27
N GLY A 48 29.28 -4.01 -15.54
CA GLY A 48 30.61 -4.02 -16.15
C GLY A 48 31.18 -2.64 -16.23
N ARG A 49 30.43 -1.71 -16.79
CA ARG A 49 30.87 -0.34 -16.86
C ARG A 49 31.36 0.13 -15.49
N LEU A 50 30.68 -0.28 -14.41
CA LEU A 50 31.05 0.15 -13.06
C LEU A 50 32.28 -0.60 -12.46
N GLY A 51 32.79 -1.60 -13.17
CA GLY A 51 34.02 -2.26 -12.79
C GLY A 51 33.90 -3.66 -12.21
N ALA A 52 32.70 -4.19 -12.13
CA ALA A 52 32.50 -5.51 -11.61
C ALA A 52 32.98 -6.49 -12.64
N VAL A 53 33.36 -7.67 -12.16
CA VAL A 53 33.57 -8.83 -13.02
C VAL A 53 32.22 -9.51 -13.14
N VAL A 54 31.76 -9.69 -14.36
CA VAL A 54 30.38 -10.09 -14.59
C VAL A 54 30.24 -11.47 -15.19
N ILE A 55 29.47 -12.31 -14.50
CA ILE A 55 29.01 -13.59 -15.02
C ILE A 55 27.55 -13.50 -15.40
N GLY A 56 27.26 -13.57 -16.70
CA GLY A 56 25.90 -13.51 -17.22
C GLY A 56 25.50 -14.91 -17.58
N THR A 57 24.22 -15.25 -17.44
CA THR A 57 23.76 -16.58 -17.72
C THR A 57 22.59 -16.61 -18.67
N ALA A 58 22.48 -17.73 -19.36
CA ALA A 58 21.35 -18.04 -20.21
C ALA A 58 21.05 -19.54 -20.08
N THR A 59 19.97 -19.97 -20.69
CA THR A 59 19.49 -21.35 -20.54
C THR A 59 20.11 -22.26 -21.59
N SER A 60 20.78 -21.69 -22.58
CA SER A 60 21.47 -22.49 -23.58
C SER A 60 22.95 -22.10 -23.77
N ALA A 61 23.71 -23.03 -24.33
CA ALA A 61 25.10 -22.81 -24.67
C ALA A 61 25.32 -21.66 -25.66
N SER A 62 24.49 -21.54 -26.66
CA SER A 62 24.69 -20.46 -27.64
C SER A 62 24.46 -19.09 -26.99
N GLY A 63 23.49 -18.99 -26.07
CA GLY A 63 23.27 -17.76 -25.30
C GLY A 63 24.43 -17.43 -24.38
N ALA A 64 24.94 -18.44 -23.70
CA ALA A 64 26.15 -18.23 -22.89
C ALA A 64 27.30 -17.71 -23.73
N GLU A 65 27.50 -18.29 -24.89
CA GLU A 65 28.52 -17.81 -25.81
C GLU A 65 28.23 -16.36 -26.26
N LYS A 66 27.01 -16.05 -26.66
CA LYS A 66 26.70 -14.69 -27.04
C LYS A 66 26.99 -13.67 -25.92
N ILE A 67 26.65 -14.03 -24.69
CA ILE A 67 26.94 -13.20 -23.52
C ILE A 67 28.43 -12.89 -23.48
N ALA A 68 29.26 -13.91 -23.60
CA ALA A 68 30.71 -13.71 -23.49
C ALA A 68 31.24 -12.75 -24.56
N GLU A 69 30.72 -12.92 -25.75
CA GLU A 69 31.07 -12.08 -26.87
C GLU A 69 30.61 -10.64 -26.64
N THR A 70 29.37 -10.48 -26.15
CA THR A 70 28.84 -9.16 -25.80
C THR A 70 29.70 -8.48 -24.73
N LEU A 71 30.10 -9.23 -23.72
CA LEU A 71 30.96 -8.67 -22.67
C LEU A 71 32.30 -8.22 -23.22
N LYS A 72 32.94 -9.06 -24.04
CA LYS A 72 34.23 -8.74 -24.67
C LYS A 72 34.13 -7.48 -25.51
N ALA A 73 33.08 -7.41 -26.30
CA ALA A 73 32.83 -6.28 -27.20
C ALA A 73 32.55 -4.98 -26.49
N ASN A 74 32.31 -5.01 -25.19
CA ASN A 74 32.18 -3.78 -24.39
C ASN A 74 33.24 -3.67 -23.29
N GLY A 75 34.32 -4.44 -23.46
CA GLY A 75 35.45 -4.36 -22.57
C GLY A 75 35.13 -4.67 -21.12
N VAL A 76 34.29 -5.67 -20.89
CA VAL A 76 33.96 -6.10 -19.52
C VAL A 76 34.52 -7.48 -19.28
N GLU A 77 35.26 -7.62 -18.17
CA GLU A 77 35.76 -8.91 -17.77
C GLU A 77 34.65 -9.76 -17.22
N GLY A 78 34.68 -11.05 -17.53
CA GLY A 78 33.69 -11.97 -16.97
C GLY A 78 33.42 -13.11 -17.93
N ALA A 79 32.23 -13.71 -17.82
CA ALA A 79 31.93 -14.88 -18.59
C ALA A 79 30.44 -15.03 -18.83
N GLY A 80 30.11 -15.94 -19.72
CA GLY A 80 28.76 -16.38 -19.91
C GLY A 80 28.69 -17.84 -19.53
N LEU A 81 27.72 -18.24 -18.72
CA LEU A 81 27.51 -19.66 -18.38
C LEU A 81 26.03 -20.06 -18.52
N VAL A 82 25.79 -21.35 -18.51
CA VAL A 82 24.47 -21.90 -18.69
C VAL A 82 23.91 -22.18 -17.32
N LEU A 83 22.71 -21.68 -17.11
CA LEU A 83 22.10 -21.80 -15.81
C LEU A 83 20.62 -21.92 -16.03
N ASP A 84 20.04 -22.94 -15.43
CA ASP A 84 18.60 -23.11 -15.37
C ASP A 84 18.18 -22.88 -13.91
N VAL A 85 17.58 -21.72 -13.64
CA VAL A 85 17.28 -21.33 -12.26
C VAL A 85 16.13 -22.14 -11.67
N SER A 86 15.40 -22.89 -12.50
CA SER A 86 14.38 -23.83 -12.01
C SER A 86 14.95 -25.15 -11.44
N SER A 87 16.25 -25.38 -11.58
CA SER A 87 16.87 -26.63 -11.20
C SER A 87 17.90 -26.50 -10.07
N ASP A 88 17.65 -27.17 -8.94
CA ASP A 88 18.61 -27.23 -7.84
C ASP A 88 20.01 -27.70 -8.25
N GLU A 89 20.06 -28.69 -9.14
CA GLU A 89 21.33 -29.24 -9.61
C GLU A 89 22.07 -28.22 -10.48
N SER A 90 21.36 -27.60 -11.40
CA SER A 90 21.97 -26.56 -12.23
C SER A 90 22.56 -25.43 -11.38
N VAL A 91 21.79 -25.00 -10.39
CA VAL A 91 22.22 -23.90 -9.52
C VAL A 91 23.44 -24.25 -8.69
N ALA A 92 23.43 -25.40 -8.02
CA ALA A 92 24.61 -25.82 -7.23
C ALA A 92 25.87 -25.93 -8.07
N ALA A 93 25.73 -26.53 -9.26
CA ALA A 93 26.89 -26.78 -10.13
C ALA A 93 27.45 -25.48 -10.70
N THR A 94 26.56 -24.61 -11.17
CA THR A 94 26.98 -23.35 -11.70
C THR A 94 27.69 -22.54 -10.63
N LEU A 95 27.11 -22.49 -9.44
CA LEU A 95 27.77 -21.75 -8.36
C LEU A 95 29.17 -22.30 -8.07
N GLU A 96 29.29 -23.63 -7.98
CA GLU A 96 30.58 -24.29 -7.71
C GLU A 96 31.61 -23.96 -8.82
N HIS A 97 31.17 -23.99 -10.08
CA HIS A 97 32.02 -23.56 -11.22
C HIS A 97 32.49 -22.12 -11.06
N ILE A 98 31.57 -21.22 -10.71
CA ILE A 98 31.92 -19.83 -10.48
C ILE A 98 32.91 -19.71 -9.33
N GLN A 99 32.66 -20.44 -8.25
CA GLN A 99 33.57 -20.40 -7.09
C GLN A 99 34.96 -20.88 -7.45
N GLN A 100 35.05 -21.98 -8.19
CA GLN A 100 36.35 -22.53 -8.61
C GLN A 100 37.14 -21.57 -9.48
N HIS A 101 36.49 -20.96 -10.46
CA HIS A 101 37.22 -20.26 -11.52
C HIS A 101 37.38 -18.78 -11.29
N LEU A 102 36.50 -18.17 -10.49
CA LEU A 102 36.62 -16.72 -10.30
C LEU A 102 36.30 -16.12 -8.95
N GLY A 103 35.53 -16.80 -8.12
CA GLY A 103 35.29 -16.35 -6.76
C GLY A 103 33.81 -16.27 -6.46
N GLN A 104 33.50 -15.85 -5.25
CA GLN A 104 32.12 -15.80 -4.77
C GLN A 104 31.38 -14.59 -5.34
N PRO A 105 30.24 -14.81 -6.00
CA PRO A 105 29.49 -13.67 -6.49
C PRO A 105 28.81 -12.95 -5.33
N LEU A 106 29.15 -11.69 -5.12
CA LEU A 106 28.61 -10.94 -3.99
C LEU A 106 27.52 -9.97 -4.44
N ILE A 107 27.33 -9.86 -5.77
CA ILE A 107 26.26 -9.13 -6.34
C ILE A 107 25.53 -10.11 -7.22
N VAL A 108 24.24 -10.31 -6.94
CA VAL A 108 23.43 -11.24 -7.68
C VAL A 108 22.15 -10.52 -8.06
N VAL A 109 21.88 -10.53 -9.37
CA VAL A 109 20.72 -9.93 -9.94
C VAL A 109 19.88 -11.06 -10.57
N ASN A 110 18.69 -11.29 -10.02
CA ASN A 110 17.78 -12.27 -10.58
C ASN A 110 16.86 -11.66 -11.61
N ASN A 111 17.08 -12.02 -12.86
CA ASN A 111 16.31 -11.49 -13.93
C ASN A 111 15.64 -12.57 -14.77
N ALA A 112 16.23 -13.77 -14.81
CA ALA A 112 15.66 -14.93 -15.55
C ALA A 112 14.21 -15.27 -15.15
N GLY A 113 13.28 -15.16 -16.10
CA GLY A 113 11.87 -15.48 -15.90
C GLY A 113 11.27 -16.13 -17.14
N ARG A 122 -0.89 -13.42 -25.89
CA ARG A 122 -1.72 -13.17 -24.71
C ARG A 122 -1.42 -14.13 -23.55
N MET A 123 -1.78 -13.66 -22.36
CA MET A 123 -1.63 -14.44 -21.14
C MET A 123 -2.96 -15.10 -20.76
N LYS A 124 -2.90 -15.99 -19.78
CA LYS A 124 -4.08 -16.71 -19.29
C LYS A 124 -4.60 -16.16 -17.94
N ASP A 125 -5.89 -16.40 -17.66
CA ASP A 125 -6.58 -15.82 -16.47
C ASP A 125 -6.37 -16.62 -15.19
N ASP A 126 -5.91 -17.86 -15.36
CA ASP A 126 -5.53 -18.74 -14.26
C ASP A 126 -4.01 -19.04 -14.21
N GLU A 127 -3.25 -18.43 -15.13
CA GLU A 127 -1.80 -18.64 -15.28
C GLU A 127 -1.05 -17.90 -14.19
N TRP A 128 -1.62 -16.80 -13.70
CA TRP A 128 -0.99 -16.01 -12.63
C TRP A 128 -0.44 -16.89 -11.55
N PHE A 129 -1.22 -17.85 -11.08
CA PHE A 129 -0.81 -18.50 -9.87
C PHE A 129 0.51 -19.20 -10.11
N ASP A 130 0.56 -20.04 -11.13
CA ASP A 130 1.79 -20.82 -11.44
C ASP A 130 2.99 -19.93 -11.88
N VAL A 131 2.74 -18.92 -12.69
CA VAL A 131 3.77 -17.98 -13.10
C VAL A 131 4.47 -17.42 -11.87
N VAL A 132 3.70 -16.91 -10.91
CA VAL A 132 4.29 -16.25 -9.74
C VAL A 132 4.98 -17.23 -8.86
N ASN A 133 4.31 -18.34 -8.62
CA ASN A 133 4.87 -19.39 -7.81
C ASN A 133 6.20 -19.90 -8.39
N THR A 134 6.26 -20.08 -9.69
CA THR A 134 7.49 -20.53 -10.35
C THR A 134 8.59 -19.45 -10.24
N ASN A 135 8.24 -18.18 -10.44
CA ASN A 135 9.23 -17.12 -10.30
C ASN A 135 9.83 -17.04 -8.92
N LEU A 136 8.99 -17.06 -7.88
CA LEU A 136 9.49 -16.90 -6.52
C LEU A 136 10.28 -18.09 -6.06
N ASN A 137 9.92 -19.27 -6.56
CA ASN A 137 10.71 -20.46 -6.27
C ASN A 137 12.10 -20.32 -6.85
N SER A 138 12.19 -19.75 -8.06
CA SER A 138 13.50 -19.46 -8.69
C SER A 138 14.31 -18.43 -7.92
N LEU A 139 13.68 -17.33 -7.51
CA LEU A 139 14.36 -16.37 -6.66
C LEU A 139 14.90 -16.99 -5.40
N TYR A 140 14.09 -17.81 -4.73
CA TYR A 140 14.46 -18.32 -3.42
C TYR A 140 15.63 -19.25 -3.57
N ARG A 141 15.52 -20.16 -4.55
CA ARG A 141 16.54 -21.15 -4.81
C ARG A 141 17.91 -20.53 -5.04
N LEU A 142 17.97 -19.60 -5.99
CA LEU A 142 19.24 -18.93 -6.32
C LEU A 142 19.74 -18.06 -5.19
N SER A 143 18.83 -17.33 -4.56
CA SER A 143 19.19 -16.48 -3.43
C SER A 143 19.81 -17.28 -2.29
N LYS A 144 19.13 -18.34 -1.90
CA LYS A 144 19.61 -19.20 -0.84
C LYS A 144 21.02 -19.72 -1.11
N ALA A 145 21.28 -20.08 -2.34
CA ALA A 145 22.56 -20.70 -2.68
C ALA A 145 23.71 -19.70 -2.69
N VAL A 146 23.44 -18.43 -2.98
CA VAL A 146 24.50 -17.43 -2.97
C VAL A 146 24.68 -16.77 -1.61
N LEU A 147 23.75 -17.00 -0.67
CA LEU A 147 23.86 -16.42 0.67
C LEU A 147 25.05 -16.90 1.49
N ARG A 148 25.43 -18.14 1.30
CA ARG A 148 26.51 -18.72 2.06
C ARG A 148 27.77 -17.89 1.84
N GLY A 149 28.09 -17.60 0.58
CA GLY A 149 29.25 -16.77 0.26
C GLY A 149 29.15 -15.32 0.72
N MET A 150 27.94 -14.77 0.71
CA MET A 150 27.76 -13.37 1.12
C MET A 150 27.88 -13.29 2.64
N THR A 151 27.33 -14.29 3.31
CA THR A 151 27.46 -14.44 4.75
C THR A 151 28.92 -14.51 5.20
N LYS A 152 29.72 -15.33 4.54
CA LYS A 152 31.14 -15.39 4.80
C LYS A 152 31.83 -14.04 4.67
N ALA A 153 31.55 -13.33 3.58
CA ALA A 153 32.17 -12.02 3.35
C ALA A 153 31.57 -10.91 4.21
N ARG A 154 30.46 -11.20 4.87
CA ARG A 154 29.69 -10.17 5.60
C ARG A 154 29.37 -8.95 4.72
N TRP A 155 29.01 -9.21 3.47
CA TRP A 155 28.63 -8.17 2.51
C TRP A 155 27.88 -8.83 1.37
N GLY A 156 26.86 -8.15 0.86
CA GLY A 156 26.20 -8.62 -0.34
C GLY A 156 25.15 -7.68 -0.88
N ARG A 157 24.77 -7.93 -2.14
CA ARG A 157 23.69 -7.24 -2.84
C ARG A 157 22.89 -8.25 -3.66
N ILE A 158 21.61 -8.42 -3.33
CA ILE A 158 20.70 -9.21 -4.13
C ILE A 158 19.63 -8.29 -4.71
N ILE A 159 19.43 -8.37 -6.02
CA ILE A 159 18.54 -7.46 -6.68
C ILE A 159 17.65 -8.27 -7.59
N ASN A 160 16.33 -8.12 -7.37
CA ASN A 160 15.34 -8.88 -8.07
C ASN A 160 14.61 -8.00 -9.11
N ILE A 161 14.57 -8.45 -10.36
CA ILE A 161 13.97 -7.65 -11.42
C ILE A 161 12.59 -8.18 -11.69
N GLY A 162 11.57 -7.32 -11.59
CA GLY A 162 10.19 -7.75 -11.86
C GLY A 162 9.91 -7.89 -13.34
N SER A 163 8.73 -8.38 -13.68
CA SER A 163 8.38 -8.57 -15.08
C SER A 163 7.91 -7.25 -15.69
N VAL A 164 8.33 -7.03 -16.91
CA VAL A 164 7.91 -5.91 -17.71
C VAL A 164 6.43 -5.97 -18.08
N VAL A 165 5.79 -4.80 -18.13
CA VAL A 165 4.41 -4.66 -18.55
C VAL A 165 4.25 -4.83 -20.04
N GLY A 166 3.12 -5.36 -20.46
CA GLY A 166 2.94 -5.67 -21.87
C GLY A 166 1.79 -6.64 -22.11
N ALA A 167 1.50 -7.45 -21.11
CA ALA A 167 0.48 -8.49 -21.30
C ALA A 167 -0.90 -7.91 -21.64
N MET A 168 -1.59 -8.51 -22.61
CA MET A 168 -2.65 -7.83 -23.38
C MET A 168 -3.96 -7.47 -22.63
N GLY A 169 -4.63 -8.46 -22.05
CA GLY A 169 -6.00 -8.27 -21.57
C GLY A 169 -6.21 -7.86 -20.11
N ASN A 170 -7.28 -8.41 -19.55
CA ASN A 170 -7.46 -8.47 -18.10
C ASN A 170 -6.49 -9.51 -17.53
N ALA A 171 -6.31 -10.58 -18.29
CA ALA A 171 -5.35 -11.62 -17.97
C ALA A 171 -3.99 -10.99 -17.72
N GLY A 172 -3.57 -10.09 -18.61
CA GLY A 172 -2.26 -9.48 -18.51
C GLY A 172 -2.06 -8.56 -17.33
N GLN A 173 -3.09 -7.77 -17.01
CA GLN A 173 -3.03 -6.90 -15.85
C GLN A 173 -2.98 -7.73 -14.56
N THR A 174 -3.74 -8.82 -14.54
CA THR A 174 -3.82 -9.75 -13.39
C THR A 174 -2.47 -10.37 -13.09
N ASN A 175 -1.83 -10.89 -14.12
CA ASN A 175 -0.53 -11.52 -13.96
C ASN A 175 0.55 -10.53 -13.54
N TYR A 176 0.50 -9.32 -14.12
CA TYR A 176 1.45 -8.29 -13.77
C TYR A 176 1.31 -7.88 -12.32
N ALA A 177 0.08 -7.62 -11.88
CA ALA A 177 -0.14 -7.16 -10.50
C ALA A 177 0.23 -8.24 -9.48
N ALA A 178 -0.10 -9.47 -9.83
CA ALA A 178 0.17 -10.55 -8.95
C ALA A 178 1.68 -10.75 -8.86
N ALA A 179 2.38 -10.69 -9.99
CA ALA A 179 3.83 -10.88 -10.00
C ALA A 179 4.55 -9.77 -9.25
N LYS A 180 4.03 -8.56 -9.36
CA LYS A 180 4.64 -7.43 -8.65
C LYS A 180 4.42 -7.61 -7.12
N ALA A 181 3.22 -8.01 -6.72
CA ALA A 181 2.91 -8.18 -5.31
C ALA A 181 3.82 -9.24 -4.67
N GLY A 182 4.00 -10.35 -5.36
CA GLY A 182 4.83 -11.43 -4.85
C GLY A 182 6.27 -11.00 -4.73
N LEU A 183 6.75 -10.33 -5.77
CA LEU A 183 8.09 -9.80 -5.80
C LEU A 183 8.38 -8.88 -4.59
N GLU A 184 7.44 -7.98 -4.31
CA GLU A 184 7.57 -7.04 -3.20
C GLU A 184 7.62 -7.75 -1.88
N GLY A 185 6.69 -8.66 -1.65
CA GLY A 185 6.59 -9.33 -0.33
C GLY A 185 7.82 -10.19 -0.10
N PHE A 186 8.22 -10.89 -1.15
CA PHE A 186 9.38 -11.75 -1.08
C PHE A 186 10.63 -10.96 -0.81
N THR A 187 10.79 -9.88 -1.55
CA THR A 187 11.97 -9.03 -1.37
C THR A 187 12.08 -8.50 0.06
N ARG A 188 10.95 -8.04 0.59
CA ARG A 188 10.93 -7.46 1.91
C ARG A 188 11.25 -8.53 2.96
N ALA A 189 10.68 -9.74 2.80
CA ALA A 189 10.92 -10.79 3.77
C ALA A 189 12.37 -11.25 3.76
N LEU A 190 12.94 -11.44 2.57
CA LEU A 190 14.30 -11.93 2.51
C LEU A 190 15.25 -10.89 3.11
N ALA A 191 14.99 -9.61 2.79
CA ALA A 191 15.78 -8.52 3.33
C ALA A 191 15.79 -8.56 4.84
N ARG A 192 14.67 -8.81 5.47
CA ARG A 192 14.63 -8.92 6.95
C ARG A 192 15.43 -10.07 7.48
N GLU A 193 15.41 -11.20 6.78
CA GLU A 193 16.11 -12.39 7.23
CA GLU A 193 16.11 -12.39 7.23
C GLU A 193 17.63 -12.20 7.20
N VAL A 194 18.14 -11.57 6.16
CA VAL A 194 19.59 -11.55 5.94
C VAL A 194 20.29 -10.25 6.31
N GLY A 195 19.53 -9.26 6.74
CA GLY A 195 20.07 -7.91 7.00
C GLY A 195 21.18 -7.84 8.04
N SER A 196 21.07 -8.59 9.12
CA SER A 196 22.09 -8.55 10.15
C SER A 196 23.46 -8.80 9.55
N ARG A 197 23.50 -9.43 8.38
CA ARG A 197 24.78 -9.80 7.73
C ARG A 197 25.28 -8.76 6.78
N ALA A 198 24.64 -7.59 6.74
CA ALA A 198 25.02 -6.48 5.82
C ALA A 198 24.86 -6.91 4.36
N ILE A 199 23.78 -7.63 4.11
CA ILE A 199 23.38 -7.99 2.77
C ILE A 199 22.07 -7.25 2.54
N THR A 200 22.00 -6.45 1.48
CA THR A 200 20.76 -5.80 1.11
C THR A 200 20.03 -6.64 0.04
N VAL A 201 18.70 -6.64 0.12
CA VAL A 201 17.88 -7.30 -0.87
C VAL A 201 16.81 -6.32 -1.38
N ASN A 202 16.89 -5.95 -2.64
CA ASN A 202 15.95 -5.01 -3.22
C ASN A 202 15.39 -5.50 -4.54
N ALA A 203 14.43 -4.75 -5.04
CA ALA A 203 13.78 -5.10 -6.29
C ALA A 203 13.58 -3.88 -7.13
N VAL A 204 13.48 -4.12 -8.43
CA VAL A 204 13.22 -3.08 -9.38
C VAL A 204 12.05 -3.56 -10.22
N ALA A 205 10.98 -2.75 -10.25
CA ALA A 205 9.74 -3.10 -10.90
C ALA A 205 9.57 -2.25 -12.16
N PRO A 206 9.93 -2.80 -13.31
CA PRO A 206 9.82 -2.00 -14.51
C PRO A 206 8.40 -1.82 -14.98
N GLY A 207 8.14 -0.68 -15.59
CA GLY A 207 6.85 -0.43 -16.27
C GLY A 207 6.96 -0.92 -17.71
N PHE A 208 6.63 -0.05 -18.65
CA PHE A 208 6.63 -0.36 -20.05
C PHE A 208 7.97 -0.05 -20.67
N ILE A 209 8.74 -1.08 -20.98
CA ILE A 209 10.12 -0.88 -21.43
C ILE A 209 10.22 -1.30 -22.85
N ASP A 210 11.09 -0.60 -23.58
CA ASP A 210 11.40 -0.92 -24.98
C ASP A 210 12.30 -2.15 -25.07
N THR A 211 11.72 -3.31 -25.39
CA THR A 211 12.46 -4.56 -25.52
C THR A 211 11.95 -5.33 -26.71
N ASP A 212 12.46 -6.54 -26.87
CA ASP A 212 12.05 -7.45 -27.95
C ASP A 212 10.56 -7.79 -27.87
N MET A 213 10.09 -8.08 -26.67
CA MET A 213 8.70 -8.43 -26.44
C MET A 213 7.74 -7.23 -26.78
N THR A 214 8.11 -6.00 -26.39
CA THR A 214 7.23 -4.84 -26.51
C THR A 214 7.28 -4.15 -27.88
N ARG A 215 8.38 -4.33 -28.61
CA ARG A 215 8.65 -3.50 -29.80
C ARG A 215 7.74 -3.91 -30.97
N GLU A 216 7.06 -5.05 -30.86
CA GLU A 216 6.00 -5.34 -31.81
C GLU A 216 4.66 -5.87 -31.18
N LEU A 217 4.34 -5.40 -29.97
CA LEU A 217 2.95 -5.53 -29.48
C LEU A 217 2.16 -4.75 -30.52
N PRO A 218 0.91 -5.16 -30.77
CA PRO A 218 0.11 -4.34 -31.70
C PRO A 218 -0.03 -2.86 -31.30
N GLU A 219 -0.13 -2.00 -32.31
CA GLU A 219 -0.15 -0.56 -32.09
C GLU A 219 -1.25 -0.06 -31.16
N ALA A 220 -2.42 -0.69 -31.15
CA ALA A 220 -3.49 -0.25 -30.26
C ALA A 220 -3.08 -0.46 -28.81
N GLN A 221 -2.50 -1.63 -28.52
CA GLN A 221 -2.03 -1.93 -27.17
C GLN A 221 -0.90 -0.99 -26.73
N ARG A 222 -0.03 -0.63 -27.66
CA ARG A 222 1.11 0.21 -27.38
C ARG A 222 0.68 1.63 -27.08
N GLU A 223 -0.20 2.14 -27.94
CA GLU A 223 -0.73 3.50 -27.81
C GLU A 223 -1.49 3.66 -26.51
N ALA A 224 -2.26 2.64 -26.19
CA ALA A 224 -3.00 2.62 -24.94
C ALA A 224 -2.08 2.67 -23.73
N LEU A 225 -0.97 1.93 -23.77
CA LEU A 225 -0.04 1.95 -22.64
C LEU A 225 0.64 3.31 -22.56
N LEU A 226 1.03 3.90 -23.70
CA LEU A 226 1.63 5.25 -23.70
C LEU A 226 0.75 6.28 -23.04
N GLY A 227 -0.55 6.18 -23.30
CA GLY A 227 -1.51 7.13 -22.77
C GLY A 227 -1.65 7.06 -21.25
N GLN A 228 -1.21 5.94 -20.65
CA GLN A 228 -1.20 5.78 -19.23
C GLN A 228 0.11 6.16 -18.60
N ILE A 229 1.09 6.61 -19.40
CA ILE A 229 2.43 6.92 -18.90
C ILE A 229 2.67 8.44 -18.93
N PRO A 230 2.69 9.10 -17.76
CA PRO A 230 2.97 10.53 -17.66
C PRO A 230 4.16 10.99 -18.49
N LEU A 231 5.29 10.27 -18.45
CA LEU A 231 6.44 10.70 -19.28
C LEU A 231 6.14 10.58 -20.77
N GLY A 232 5.08 9.88 -21.15
CA GLY A 232 4.68 9.82 -22.57
C GLY A 232 5.66 9.09 -23.46
N ARG A 233 6.43 8.16 -22.89
CA ARG A 233 7.31 7.31 -23.69
C ARG A 233 7.55 6.00 -22.98
N LEU A 234 8.08 5.04 -23.73
CA LEU A 234 8.61 3.81 -23.17
C LEU A 234 9.90 4.09 -22.52
N GLY A 235 10.21 3.31 -21.49
CA GLY A 235 11.52 3.37 -20.88
C GLY A 235 12.51 2.56 -21.68
N GLN A 236 13.78 2.86 -21.51
CA GLN A 236 14.84 2.06 -22.13
C GLN A 236 15.41 1.04 -21.16
N ALA A 237 15.96 -0.04 -21.71
CA ALA A 237 16.60 -1.10 -20.92
C ALA A 237 17.69 -0.52 -20.01
N GLU A 238 18.49 0.39 -20.56
CA GLU A 238 19.53 1.08 -19.81
CA GLU A 238 19.53 1.07 -19.83
C GLU A 238 19.01 1.81 -18.59
N GLU A 239 17.75 2.25 -18.63
CA GLU A 239 17.18 3.05 -17.54
C GLU A 239 16.79 2.15 -16.36
N ILE A 240 16.53 0.89 -16.62
CA ILE A 240 16.39 -0.09 -15.55
C ILE A 240 17.79 -0.37 -14.97
N ALA A 241 18.76 -0.55 -15.85
CA ALA A 241 20.09 -0.95 -15.45
C ALA A 241 20.78 0.05 -14.53
N LYS A 242 20.56 1.34 -14.75
CA LYS A 242 21.20 2.37 -13.93
C LYS A 242 20.71 2.28 -12.50
N VAL A 243 19.42 1.94 -12.34
CA VAL A 243 18.88 1.80 -11.02
C VAL A 243 19.54 0.62 -10.30
N VAL A 244 19.68 -0.50 -11.03
CA VAL A 244 20.30 -1.69 -10.50
C VAL A 244 21.74 -1.43 -10.11
N GLY A 245 22.45 -0.69 -10.94
CA GLY A 245 23.84 -0.35 -10.65
C GLY A 245 23.95 0.52 -9.41
N PHE A 246 23.00 1.45 -9.23
CA PHE A 246 23.04 2.25 -8.04
C PHE A 246 22.81 1.38 -6.81
N LEU A 247 21.82 0.47 -6.86
CA LEU A 247 21.48 -0.36 -5.71
C LEU A 247 22.64 -1.24 -5.30
N ALA A 248 23.44 -1.64 -6.27
CA ALA A 248 24.61 -2.47 -6.03
C ALA A 248 25.77 -1.73 -5.37
N SER A 249 25.70 -0.39 -5.34
CA SER A 249 26.83 0.45 -4.91
C SER A 249 26.88 0.60 -3.40
N ASP A 250 27.96 1.15 -2.90
CA ASP A 250 28.12 1.28 -1.45
C ASP A 250 27.21 2.35 -0.93
N GLY A 251 26.84 3.29 -1.79
CA GLY A 251 25.98 4.39 -1.42
C GLY A 251 24.51 4.01 -1.25
N ALA A 252 24.11 2.84 -1.74
CA ALA A 252 22.78 2.30 -1.46
C ALA A 252 22.79 1.30 -0.30
N ALA A 253 23.79 1.41 0.58
CA ALA A 253 23.94 0.41 1.66
C ALA A 253 22.84 0.46 2.73
N TYR A 254 22.15 1.61 2.88
CA TYR A 254 21.03 1.66 3.83
C TYR A 254 19.66 1.39 3.16
N VAL A 255 19.66 1.08 1.87
CA VAL A 255 18.45 0.71 1.16
C VAL A 255 18.33 -0.80 1.15
N THR A 256 17.32 -1.32 1.83
CA THR A 256 17.06 -2.75 1.76
C THR A 256 15.58 -3.02 1.99
N GLY A 257 15.07 -4.05 1.32
CA GLY A 257 13.64 -4.40 1.41
C GLY A 257 12.76 -3.54 0.53
N ALA A 258 13.37 -2.75 -0.34
CA ALA A 258 12.66 -1.82 -1.17
C ALA A 258 12.42 -2.40 -2.55
N THR A 259 11.27 -2.07 -3.12
CA THR A 259 10.98 -2.27 -4.53
C THR A 259 10.89 -0.90 -5.21
N VAL A 260 11.85 -0.60 -6.06
CA VAL A 260 11.91 0.67 -6.72
C VAL A 260 11.19 0.55 -8.05
N PRO A 261 10.08 1.25 -8.20
CA PRO A 261 9.37 1.25 -9.47
C PRO A 261 10.03 2.15 -10.50
N VAL A 262 10.15 1.65 -11.74
CA VAL A 262 10.80 2.36 -12.81
C VAL A 262 9.88 2.34 -14.04
N ASN A 263 8.86 3.21 -13.99
CA ASN A 263 7.72 3.12 -14.87
C ASN A 263 7.20 4.46 -15.39
N GLY A 264 7.98 5.51 -15.29
CA GLY A 264 7.59 6.78 -15.91
C GLY A 264 6.32 7.35 -15.33
N GLY A 265 5.92 6.87 -14.15
CA GLY A 265 4.76 7.39 -13.47
C GLY A 265 3.46 6.63 -13.70
N MET A 266 3.52 5.53 -14.43
CA MET A 266 2.39 4.64 -14.63
C MET A 266 2.38 3.58 -13.55
N TYR A 267 1.41 3.64 -12.65
CA TYR A 267 1.31 2.66 -11.54
C TYR A 267 0.05 1.83 -11.69
N MET A 268 0.21 0.52 -11.85
CA MET A 268 -0.95 -0.37 -11.90
C MET A 268 -0.79 -1.61 -11.00
N SER A 269 -1.65 -1.73 -10.00
CA SER A 269 -1.82 -3.01 -9.33
C SER A 269 -3.20 -3.13 -8.64
N ASN B 17 -39.93 -3.41 2.48
CA ASN B 17 -39.13 -2.82 1.35
C ASN B 17 -37.72 -2.41 1.80
N LEU B 18 -37.58 -1.18 2.28
CA LEU B 18 -36.31 -0.70 2.88
C LEU B 18 -35.96 -1.60 4.07
N TYR B 19 -36.97 -1.91 4.88
CA TYR B 19 -36.73 -2.65 6.13
C TYR B 19 -36.52 -4.19 6.03
N PHE B 20 -37.08 -4.83 5.01
CA PHE B 20 -36.96 -6.28 4.78
C PHE B 20 -36.22 -6.55 3.48
N GLN B 21 -34.95 -6.92 3.64
CA GLN B 21 -34.00 -7.09 2.55
C GLN B 21 -33.18 -8.37 2.73
N SER B 22 -33.21 -8.83 3.98
CA SER B 22 -31.97 -9.19 4.72
C SER B 22 -30.87 -9.99 4.05
N MET B 23 -29.69 -9.64 4.53
CA MET B 23 -28.46 -10.33 4.35
C MET B 23 -28.30 -11.38 5.47
N SER B 24 -29.30 -12.24 5.55
CA SER B 24 -29.21 -13.50 6.25
C SER B 24 -28.58 -14.51 5.29
N LEU B 25 -28.15 -15.69 5.80
CA LEU B 25 -27.56 -16.72 4.95
C LEU B 25 -28.43 -17.97 4.91
N GLN B 26 -29.73 -17.78 5.08
CA GLN B 26 -30.65 -18.91 5.17
C GLN B 26 -30.56 -19.60 3.86
N GLY B 27 -30.44 -20.91 3.86
CA GLY B 27 -30.41 -21.68 2.61
C GLY B 27 -29.03 -21.82 2.01
N LYS B 28 -28.00 -21.32 2.68
CA LYS B 28 -26.65 -21.57 2.19
C LYS B 28 -25.78 -22.48 3.03
N VAL B 29 -24.93 -23.21 2.31
CA VAL B 29 -24.01 -24.11 2.91
C VAL B 29 -22.68 -23.39 2.99
N ALA B 30 -22.10 -23.31 4.19
CA ALA B 30 -20.79 -22.71 4.35
C ALA B 30 -19.80 -23.73 4.84
N LEU B 31 -18.59 -23.69 4.29
CA LEU B 31 -17.51 -24.56 4.69
C LEU B 31 -16.48 -23.68 5.38
N VAL B 32 -16.13 -24.02 6.60
CA VAL B 32 -15.18 -23.26 7.38
C VAL B 32 -14.08 -24.23 7.82
N THR B 33 -12.88 -24.05 7.29
CA THR B 33 -11.75 -24.87 7.68
C THR B 33 -11.14 -24.39 9.01
N GLY B 34 -10.54 -25.29 9.75
CA GLY B 34 -9.93 -24.94 11.05
C GLY B 34 -10.94 -24.46 12.09
N ALA B 35 -12.08 -25.13 12.15
CA ALA B 35 -13.24 -24.64 12.91
C ALA B 35 -13.34 -25.10 14.37
N SER B 36 -12.33 -25.77 14.87
CA SER B 36 -12.48 -26.43 16.18
C SER B 36 -12.17 -25.52 17.38
N ARG B 37 -11.43 -24.45 17.14
CA ARG B 37 -11.06 -23.52 18.21
C ARG B 37 -11.04 -22.05 17.73
N GLY B 38 -10.92 -21.14 18.67
CA GLY B 38 -10.65 -19.73 18.43
C GLY B 38 -11.44 -19.10 17.32
N ILE B 39 -10.71 -18.50 16.40
CA ILE B 39 -11.28 -17.72 15.32
C ILE B 39 -12.18 -18.56 14.43
N GLY B 40 -11.68 -19.73 14.03
CA GLY B 40 -12.44 -20.64 13.20
C GLY B 40 -13.76 -21.05 13.83
N GLN B 41 -13.73 -21.35 15.12
CA GLN B 41 -14.96 -21.71 15.80
C GLN B 41 -15.95 -20.55 15.74
N ALA B 42 -15.46 -19.38 16.10
CA ALA B 42 -16.31 -18.22 16.21
C ALA B 42 -16.87 -17.90 14.81
N ILE B 43 -16.09 -18.08 13.77
CA ILE B 43 -16.62 -17.93 12.41
C ILE B 43 -17.76 -18.90 12.15
N ALA B 44 -17.56 -20.16 12.53
CA ALA B 44 -18.59 -21.18 12.30
C ALA B 44 -19.87 -20.82 13.00
N LEU B 45 -19.78 -20.43 14.27
CA LEU B 45 -20.98 -20.00 15.04
C LEU B 45 -21.63 -18.73 14.49
N GLU B 46 -20.82 -17.77 14.05
CA GLU B 46 -21.39 -16.56 13.48
C GLU B 46 -22.12 -16.86 12.15
N LEU B 47 -21.56 -17.70 11.29
CA LEU B 47 -22.30 -18.06 10.05
C LEU B 47 -23.54 -18.90 10.38
N GLY B 48 -23.44 -19.70 11.44
CA GLY B 48 -24.61 -20.43 11.95
C GLY B 48 -25.69 -19.48 12.46
N ARG B 49 -25.32 -18.57 13.33
CA ARG B 49 -26.22 -17.57 13.81
C ARG B 49 -26.94 -16.89 12.64
N LEU B 50 -26.23 -16.61 11.53
CA LEU B 50 -26.83 -15.93 10.37
C LEU B 50 -27.70 -16.83 9.49
N GLY B 51 -27.77 -18.11 9.80
CA GLY B 51 -28.71 -19.01 9.12
C GLY B 51 -28.12 -19.98 8.12
N ALA B 52 -26.80 -19.98 7.95
CA ALA B 52 -26.16 -20.91 7.06
C ALA B 52 -26.16 -22.31 7.67
N VAL B 53 -26.09 -23.33 6.82
CA VAL B 53 -25.75 -24.68 7.21
C VAL B 53 -24.23 -24.76 7.17
N VAL B 54 -23.64 -25.10 8.29
CA VAL B 54 -22.19 -25.00 8.44
C VAL B 54 -21.48 -26.35 8.54
N ILE B 55 -20.49 -26.52 7.68
CA ILE B 55 -19.53 -27.59 7.80
C ILE B 55 -18.23 -27.02 8.29
N GLY B 56 -17.86 -27.35 9.51
CA GLY B 56 -16.55 -27.00 10.04
C GLY B 56 -15.62 -28.19 9.92
N THR B 57 -14.32 -27.94 9.73
CA THR B 57 -13.35 -29.03 9.57
C THR B 57 -12.16 -28.89 10.51
N ALA B 58 -11.56 -30.03 10.82
CA ALA B 58 -10.33 -30.08 11.56
C ALA B 58 -9.49 -31.17 10.96
N THR B 59 -8.25 -31.27 11.43
CA THR B 59 -7.31 -32.24 10.88
C THR B 59 -7.42 -33.60 11.55
N SER B 60 -8.13 -33.66 12.67
CA SER B 60 -8.32 -34.93 13.37
C SER B 60 -9.78 -35.24 13.68
N ALA B 61 -10.04 -36.53 13.90
CA ALA B 61 -11.36 -37.02 14.27
C ALA B 61 -11.90 -36.37 15.55
N SER B 62 -11.05 -36.18 16.54
CA SER B 62 -11.53 -35.60 17.82
C SER B 62 -11.94 -34.13 17.68
N GLY B 63 -11.21 -33.38 16.85
CA GLY B 63 -11.62 -32.04 16.46
C GLY B 63 -12.94 -31.99 15.65
N ALA B 64 -13.08 -32.88 14.68
CA ALA B 64 -14.34 -32.97 13.94
C ALA B 64 -15.52 -33.24 14.88
N GLU B 65 -15.33 -34.14 15.84
CA GLU B 65 -16.37 -34.40 16.83
C GLU B 65 -16.68 -33.17 17.65
N LYS B 66 -15.66 -32.50 18.17
CA LYS B 66 -15.87 -31.31 18.97
C LYS B 66 -16.64 -30.23 18.20
N ILE B 67 -16.29 -30.06 16.94
CA ILE B 67 -17.03 -29.14 16.06
C ILE B 67 -18.52 -29.49 16.01
N ALA B 68 -18.84 -30.75 15.81
CA ALA B 68 -20.25 -31.17 15.68
C ALA B 68 -21.04 -30.92 16.95
N GLU B 69 -20.41 -31.22 18.07
CA GLU B 69 -20.99 -30.99 19.37
C GLU B 69 -21.22 -29.51 19.61
N THR B 70 -20.21 -28.70 19.27
CA THR B 70 -20.31 -27.24 19.40
C THR B 70 -21.47 -26.73 18.57
N LEU B 71 -21.59 -27.20 17.34
CA LEU B 71 -22.66 -26.71 16.47
C LEU B 71 -24.03 -27.09 16.99
N LYS B 72 -24.18 -28.35 17.42
CA LYS B 72 -25.43 -28.86 18.00
C LYS B 72 -25.82 -28.02 19.21
N ALA B 73 -24.86 -27.80 20.10
CA ALA B 73 -25.12 -27.05 21.34
C ALA B 73 -25.57 -25.61 21.12
N ASN B 74 -25.36 -25.06 19.92
CA ASN B 74 -25.77 -23.69 19.59
C ASN B 74 -26.85 -23.68 18.54
N GLY B 75 -27.46 -24.84 18.31
CA GLY B 75 -28.58 -24.98 17.39
C GLY B 75 -28.28 -24.61 15.95
N VAL B 76 -27.12 -25.04 15.47
CA VAL B 76 -26.69 -24.77 14.11
C VAL B 76 -26.66 -26.08 13.38
N GLU B 77 -27.33 -26.14 12.25
CA GLU B 77 -27.32 -27.31 11.38
C GLU B 77 -26.04 -27.39 10.61
N GLY B 78 -25.52 -28.61 10.45
CA GLY B 78 -24.27 -28.79 9.72
C GLY B 78 -23.53 -30.06 10.03
N ALA B 79 -22.20 -30.02 10.00
CA ALA B 79 -21.35 -31.12 10.45
C ALA B 79 -19.94 -30.70 10.78
N GLY B 80 -19.20 -31.63 11.38
CA GLY B 80 -17.75 -31.50 11.57
C GLY B 80 -17.11 -32.63 10.80
N LEU B 81 -16.16 -32.30 9.94
CA LEU B 81 -15.47 -33.31 9.15
C LEU B 81 -13.96 -33.13 9.26
N VAL B 82 -13.24 -34.17 8.83
CA VAL B 82 -11.82 -34.16 8.85
C VAL B 82 -11.36 -33.76 7.47
N LEU B 83 -10.44 -32.81 7.43
CA LEU B 83 -9.98 -32.25 6.18
C LEU B 83 -8.56 -31.82 6.39
N ASP B 84 -7.68 -32.28 5.51
CA ASP B 84 -6.29 -31.84 5.46
C ASP B 84 -6.14 -31.03 4.17
N VAL B 85 -6.06 -29.71 4.30
CA VAL B 85 -6.05 -28.82 3.10
C VAL B 85 -4.76 -28.93 2.31
N SER B 86 -3.73 -29.54 2.90
CA SER B 86 -2.45 -29.78 2.17
C SER B 86 -2.51 -30.97 1.21
N SER B 87 -3.62 -31.72 1.22
CA SER B 87 -3.73 -32.94 0.44
C SER B 87 -4.83 -32.89 -0.61
N ASP B 88 -4.45 -33.04 -1.88
CA ASP B 88 -5.42 -33.12 -3.00
C ASP B 88 -6.48 -34.18 -2.79
N GLU B 89 -6.06 -35.34 -2.28
CA GLU B 89 -6.97 -36.45 -2.02
C GLU B 89 -7.97 -36.11 -0.93
N SER B 90 -7.46 -35.59 0.19
CA SER B 90 -8.36 -35.21 1.28
C SER B 90 -9.41 -34.18 0.80
N VAL B 91 -8.97 -33.17 0.05
CA VAL B 91 -9.85 -32.11 -0.46
C VAL B 91 -10.93 -32.65 -1.40
N ALA B 92 -10.53 -33.43 -2.39
CA ALA B 92 -11.51 -33.98 -3.35
C ALA B 92 -12.55 -34.83 -2.66
N ALA B 93 -12.10 -35.67 -1.74
CA ALA B 93 -12.99 -36.64 -1.07
C ALA B 93 -13.94 -35.93 -0.12
N THR B 94 -13.40 -35.00 0.66
CA THR B 94 -14.23 -34.21 1.55
C THR B 94 -15.30 -33.45 0.73
N LEU B 95 -14.89 -32.78 -0.34
CA LEU B 95 -15.86 -32.04 -1.13
CA LEU B 95 -15.87 -32.05 -1.13
C LEU B 95 -16.96 -32.95 -1.66
N GLU B 96 -16.57 -34.11 -2.19
CA GLU B 96 -17.56 -35.05 -2.73
C GLU B 96 -18.53 -35.53 -1.64
N HIS B 97 -17.98 -35.83 -0.48
CA HIS B 97 -18.77 -36.20 0.68
C HIS B 97 -19.77 -35.06 1.06
N ILE B 98 -19.32 -33.82 1.08
CA ILE B 98 -20.19 -32.67 1.31
C ILE B 98 -21.25 -32.55 0.23
N GLN B 99 -20.86 -32.72 -1.03
CA GLN B 99 -21.82 -32.65 -2.15
C GLN B 99 -22.91 -33.70 -2.04
N GLN B 100 -22.50 -34.93 -1.75
CA GLN B 100 -23.43 -36.03 -1.58
C GLN B 100 -24.44 -35.79 -0.46
N HIS B 101 -23.97 -35.34 0.70
CA HIS B 101 -24.78 -35.37 1.92
C HIS B 101 -25.42 -34.04 2.33
N LEU B 102 -24.89 -32.91 1.85
CA LEU B 102 -25.42 -31.59 2.24
C LEU B 102 -25.70 -30.62 1.11
N GLY B 103 -24.84 -30.61 0.11
CA GLY B 103 -24.98 -29.70 -1.02
C GLY B 103 -23.68 -28.99 -1.28
N GLN B 104 -23.70 -28.13 -2.28
CA GLN B 104 -22.52 -27.39 -2.71
C GLN B 104 -22.22 -26.27 -1.72
N PRO B 105 -21.02 -26.23 -1.14
CA PRO B 105 -20.72 -25.10 -0.29
C PRO B 105 -20.49 -23.85 -1.12
N LEU B 106 -21.28 -22.81 -0.89
CA LEU B 106 -21.15 -21.57 -1.65
C LEU B 106 -20.49 -20.47 -0.84
N ILE B 107 -20.27 -20.72 0.44
CA ILE B 107 -19.48 -19.84 1.30
C ILE B 107 -18.34 -20.69 1.83
N VAL B 108 -17.11 -20.27 1.55
CA VAL B 108 -15.94 -21.02 1.95
C VAL B 108 -15.00 -20.05 2.61
N VAL B 109 -14.68 -20.37 3.86
CA VAL B 109 -13.76 -19.59 4.68
C VAL B 109 -12.50 -20.43 4.94
N ASN B 110 -11.37 -19.99 4.40
CA ASN B 110 -10.10 -20.69 4.61
C ASN B 110 -9.44 -20.13 5.82
N ASN B 111 -9.40 -20.93 6.87
CA ASN B 111 -8.77 -20.53 8.11
C ASN B 111 -7.67 -21.48 8.56
N ALA B 112 -7.73 -22.74 8.10
CA ALA B 112 -6.70 -23.76 8.40
C ALA B 112 -5.28 -23.36 7.98
N GLY B 113 -4.38 -23.24 8.96
CA GLY B 113 -2.96 -22.95 8.67
C GLY B 113 -2.18 -24.23 8.48
N ILE B 114 -0.93 -24.06 8.09
CA ILE B 114 0.03 -25.15 7.95
C ILE B 114 1.42 -24.66 8.39
N THR B 115 2.10 -25.47 9.21
CA THR B 115 3.40 -25.09 9.76
C THR B 115 4.55 -25.75 8.96
N ARG B 116 5.67 -25.05 8.77
CA ARG B 116 6.92 -25.69 8.37
C ARG B 116 7.93 -25.33 9.44
N ASP B 117 8.74 -26.31 9.86
CA ASP B 117 9.66 -26.09 10.97
C ASP B 117 10.90 -26.97 10.80
N ASP B 126 14.55 -19.85 6.96
CA ASP B 126 13.84 -20.36 5.78
C ASP B 126 12.37 -20.71 6.04
N GLU B 127 11.91 -20.48 7.27
CA GLU B 127 10.54 -20.75 7.59
C GLU B 127 9.65 -19.81 6.80
N TRP B 128 10.02 -18.54 6.80
CA TRP B 128 9.19 -17.51 6.21
C TRP B 128 8.71 -17.89 4.82
N PHE B 129 9.64 -18.40 3.98
CA PHE B 129 9.28 -18.72 2.60
C PHE B 129 8.33 -19.89 2.51
N ASP B 130 8.69 -21.01 3.14
CA ASP B 130 7.88 -22.25 3.06
C ASP B 130 6.49 -22.11 3.70
N VAL B 131 6.41 -21.42 4.84
CA VAL B 131 5.12 -21.14 5.47
C VAL B 131 4.18 -20.52 4.46
N VAL B 132 4.60 -19.43 3.84
CA VAL B 132 3.71 -18.66 2.98
C VAL B 132 3.39 -19.46 1.73
N ASN B 133 4.41 -20.08 1.16
CA ASN B 133 4.24 -20.96 -0.01
C ASN B 133 3.30 -22.15 0.21
N THR B 134 3.43 -22.78 1.37
CA THR B 134 2.51 -23.84 1.77
C THR B 134 1.09 -23.30 1.98
N ASN B 135 0.95 -22.16 2.65
CA ASN B 135 -0.39 -21.60 2.85
C ASN B 135 -1.09 -21.30 1.52
N LEU B 136 -0.41 -20.63 0.59
CA LEU B 136 -1.06 -20.20 -0.64
C LEU B 136 -1.37 -21.36 -1.54
N ASN B 137 -0.55 -22.40 -1.49
CA ASN B 137 -0.87 -23.65 -2.18
C ASN B 137 -2.15 -24.28 -1.62
N SER B 138 -2.33 -24.23 -0.29
CA SER B 138 -3.59 -24.68 0.35
C SER B 138 -4.78 -23.85 -0.12
N LEU B 139 -4.65 -22.53 -0.09
CA LEU B 139 -5.75 -21.67 -0.48
C LEU B 139 -6.12 -21.99 -1.90
N TYR B 140 -5.13 -22.19 -2.75
CA TYR B 140 -5.38 -22.33 -4.17
C TYR B 140 -6.10 -23.65 -4.42
N ARG B 141 -5.56 -24.72 -3.82
CA ARG B 141 -6.13 -26.06 -3.92
C ARG B 141 -7.60 -26.08 -3.54
N LEU B 142 -7.90 -25.63 -2.34
CA LEU B 142 -9.27 -25.67 -1.87
C LEU B 142 -10.17 -24.76 -2.73
N SER B 143 -9.69 -23.56 -3.03
CA SER B 143 -10.46 -22.55 -3.74
C SER B 143 -10.85 -23.10 -5.11
N LYS B 144 -9.85 -23.61 -5.83
CA LYS B 144 -10.06 -24.21 -7.15
C LYS B 144 -11.14 -25.28 -7.09
N ALA B 145 -11.10 -26.13 -6.04
CA ALA B 145 -12.02 -27.25 -5.96
C ALA B 145 -13.45 -26.81 -5.66
N VAL B 146 -13.65 -25.70 -4.94
CA VAL B 146 -15.01 -25.24 -4.64
C VAL B 146 -15.58 -24.30 -5.69
N LEU B 147 -14.74 -23.85 -6.61
CA LEU B 147 -15.18 -22.94 -7.67
C LEU B 147 -16.18 -23.53 -8.63
N ARG B 148 -16.07 -24.84 -8.87
CA ARG B 148 -16.98 -25.47 -9.83
C ARG B 148 -18.41 -25.33 -9.40
N GLY B 149 -18.66 -25.62 -8.12
CA GLY B 149 -19.99 -25.45 -7.55
C GLY B 149 -20.48 -24.01 -7.49
N MET B 150 -19.58 -23.08 -7.25
CA MET B 150 -19.97 -21.65 -7.16
C MET B 150 -20.28 -21.13 -8.56
N THR B 151 -19.47 -21.59 -9.52
CA THR B 151 -19.68 -21.28 -10.94
C THR B 151 -21.07 -21.76 -11.40
N LYS B 152 -21.45 -22.99 -11.06
CA LYS B 152 -22.75 -23.56 -11.39
C LYS B 152 -23.90 -22.73 -10.82
N ALA B 153 -23.79 -22.34 -9.55
CA ALA B 153 -24.81 -21.51 -8.92
C ALA B 153 -24.74 -20.02 -9.33
N ARG B 154 -23.67 -19.62 -10.00
CA ARG B 154 -23.44 -18.21 -10.35
C ARG B 154 -23.50 -17.31 -9.11
N TRP B 155 -22.93 -17.81 -8.03
CA TRP B 155 -22.86 -17.06 -6.80
C TRP B 155 -21.84 -17.69 -5.89
N GLY B 156 -21.09 -16.87 -5.16
CA GLY B 156 -20.13 -17.44 -4.19
C GLY B 156 -19.43 -16.41 -3.34
N ARG B 157 -18.88 -16.90 -2.22
CA ARG B 157 -18.07 -16.10 -1.29
C ARG B 157 -16.91 -16.96 -0.86
N ILE B 158 -15.71 -16.51 -1.16
CA ILE B 158 -14.50 -17.08 -0.61
C ILE B 158 -13.84 -16.07 0.31
N ILE B 159 -13.54 -16.47 1.55
CA ILE B 159 -12.95 -15.56 2.52
C ILE B 159 -11.74 -16.21 3.14
N ASN B 160 -10.61 -15.53 3.04
CA ASN B 160 -9.30 -16.06 3.49
C ASN B 160 -8.86 -15.37 4.80
N ILE B 161 -8.59 -16.13 5.85
CA ILE B 161 -8.24 -15.56 7.16
C ILE B 161 -6.75 -15.59 7.31
N GLY B 162 -6.14 -14.44 7.53
CA GLY B 162 -4.70 -14.38 7.67
C GLY B 162 -4.28 -14.92 9.03
N SER B 163 -2.98 -15.06 9.23
CA SER B 163 -2.46 -15.46 10.54
C SER B 163 -2.52 -14.33 11.60
N VAL B 164 -2.92 -14.72 12.81
CA VAL B 164 -2.89 -13.83 13.98
C VAL B 164 -1.46 -13.47 14.41
N VAL B 165 -1.30 -12.25 14.92
CA VAL B 165 -0.02 -11.81 15.41
C VAL B 165 0.32 -12.52 16.72
N ALA B 171 11.91 -11.86 13.82
CA ALA B 171 11.39 -13.08 13.19
C ALA B 171 9.87 -13.07 13.02
N GLY B 172 9.16 -12.78 14.11
CA GLY B 172 7.71 -12.83 14.12
C GLY B 172 7.07 -11.77 13.25
N GLN B 173 7.65 -10.58 13.24
CA GLN B 173 7.15 -9.50 12.39
C GLN B 173 7.38 -9.85 10.91
N THR B 174 8.51 -10.48 10.60
CA THR B 174 8.88 -10.89 9.22
C THR B 174 7.89 -11.90 8.66
N ASN B 175 7.59 -12.93 9.46
CA ASN B 175 6.67 -13.98 9.03
C ASN B 175 5.26 -13.44 8.86
N TYR B 176 4.86 -12.55 9.78
CA TYR B 176 3.55 -11.92 9.71
C TYR B 176 3.40 -11.02 8.47
N ALA B 177 4.39 -10.18 8.23
CA ALA B 177 4.32 -9.27 7.09
C ALA B 177 4.35 -10.02 5.76
N ALA B 178 5.15 -11.08 5.72
CA ALA B 178 5.25 -11.86 4.50
C ALA B 178 3.94 -12.56 4.24
N ALA B 179 3.38 -13.18 5.28
CA ALA B 179 2.12 -13.94 5.14
C ALA B 179 0.99 -13.00 4.76
N LYS B 180 1.00 -11.78 5.27
CA LYS B 180 -0.01 -10.80 4.93
C LYS B 180 0.12 -10.36 3.47
N ALA B 181 1.35 -10.10 3.03
CA ALA B 181 1.60 -9.66 1.66
C ALA B 181 1.15 -10.73 0.64
N GLY B 182 1.44 -12.00 0.91
CA GLY B 182 1.04 -13.06 0.02
C GLY B 182 -0.47 -13.21 -0.02
N LEU B 183 -1.08 -13.21 1.17
CA LEU B 183 -2.50 -13.28 1.29
C LEU B 183 -3.22 -12.20 0.46
N GLU B 184 -2.72 -10.98 0.52
CA GLU B 184 -3.28 -9.86 -0.21
C GLU B 184 -3.19 -10.02 -1.70
N GLY B 185 -2.01 -10.33 -2.19
CA GLY B 185 -1.81 -10.44 -3.62
C GLY B 185 -2.60 -11.60 -4.20
N PHE B 186 -2.58 -12.73 -3.50
CA PHE B 186 -3.32 -13.91 -3.91
C PHE B 186 -4.81 -13.62 -3.95
N THR B 187 -5.31 -12.97 -2.89
CA THR B 187 -6.71 -12.66 -2.76
C THR B 187 -7.15 -11.77 -3.92
N ARG B 188 -6.33 -10.78 -4.21
CA ARG B 188 -6.64 -9.86 -5.24
C ARG B 188 -6.64 -10.51 -6.66
N ALA B 189 -5.67 -11.37 -6.90
CA ALA B 189 -5.60 -12.06 -8.20
C ALA B 189 -6.77 -13.04 -8.38
N LEU B 190 -7.12 -13.80 -7.34
CA LEU B 190 -8.20 -14.77 -7.52
C LEU B 190 -9.50 -14.03 -7.75
N ALA B 191 -9.71 -12.96 -7.00
CA ALA B 191 -10.88 -12.11 -7.15
C ALA B 191 -11.02 -11.66 -8.59
N ARG B 192 -9.93 -11.23 -9.23
CA ARG B 192 -10.01 -10.82 -10.66
C ARG B 192 -10.40 -11.94 -11.61
N GLU B 193 -9.91 -13.14 -11.33
CA GLU B 193 -10.18 -14.29 -12.17
C GLU B 193 -11.64 -14.71 -12.13
N VAL B 194 -12.25 -14.69 -10.97
CA VAL B 194 -13.57 -15.33 -10.79
C VAL B 194 -14.74 -14.36 -10.74
N GLY B 195 -14.43 -13.07 -10.80
CA GLY B 195 -15.46 -12.04 -10.58
C GLY B 195 -16.58 -12.05 -11.56
N SER B 196 -16.30 -12.31 -12.84
CA SER B 196 -17.38 -12.35 -13.82
C SER B 196 -18.51 -13.29 -13.40
N ARG B 197 -18.21 -14.24 -12.52
CA ARG B 197 -19.19 -15.25 -12.09
C ARG B 197 -19.95 -14.87 -10.86
N ALA B 198 -19.80 -13.63 -10.41
CA ALA B 198 -20.45 -13.15 -9.22
C ALA B 198 -20.01 -13.96 -7.98
N ILE B 199 -18.71 -14.21 -7.92
CA ILE B 199 -18.08 -14.77 -6.76
C ILE B 199 -17.11 -13.72 -6.23
N THR B 200 -17.21 -13.37 -4.97
CA THR B 200 -16.27 -12.45 -4.35
C THR B 200 -15.19 -13.22 -3.59
N VAL B 201 -13.97 -12.69 -3.61
CA VAL B 201 -12.86 -13.27 -2.90
C VAL B 201 -12.21 -12.19 -2.04
N ASN B 202 -12.29 -12.34 -0.73
CA ASN B 202 -11.74 -11.36 0.19
C ASN B 202 -10.93 -12.00 1.29
N ALA B 203 -10.27 -11.15 2.06
CA ALA B 203 -9.44 -11.60 3.14
C ALA B 203 -9.62 -10.73 4.37
N VAL B 204 -9.35 -11.32 5.51
CA VAL B 204 -9.42 -10.65 6.76
C VAL B 204 -8.06 -10.89 7.41
N ALA B 205 -7.39 -9.82 7.78
CA ALA B 205 -6.09 -9.84 8.38
C ALA B 205 -6.16 -9.45 9.87
N PRO B 206 -6.18 -10.43 10.77
CA PRO B 206 -6.30 -10.08 12.17
C PRO B 206 -5.02 -9.55 12.73
N GLY B 207 -5.14 -8.63 13.68
CA GLY B 207 -4.00 -8.17 14.45
C GLY B 207 -3.82 -9.09 15.66
N PHE B 208 -3.73 -8.51 16.85
CA PHE B 208 -3.58 -9.29 18.08
CA PHE B 208 -3.54 -9.23 18.12
C PHE B 208 -4.90 -9.67 18.66
N ILE B 209 -5.20 -10.95 18.57
CA ILE B 209 -6.48 -11.45 19.00
C ILE B 209 -6.32 -12.28 20.24
N ASP B 210 -7.36 -12.27 21.08
CA ASP B 210 -7.44 -13.12 22.25
C ASP B 210 -7.75 -14.57 21.88
N THR B 211 -6.73 -15.42 21.88
CA THR B 211 -6.87 -16.86 21.56
C THR B 211 -5.99 -17.73 22.47
N ASP B 212 -5.89 -19.03 22.18
CA ASP B 212 -5.04 -19.95 22.96
C ASP B 212 -3.56 -19.55 22.91
N MET B 213 -3.09 -19.14 21.74
CA MET B 213 -1.69 -18.72 21.60
C MET B 213 -1.37 -17.49 22.46
N THR B 214 -2.26 -16.50 22.42
CA THR B 214 -1.99 -15.18 23.04
C THR B 214 -2.29 -15.10 24.55
N ARG B 215 -3.06 -16.07 25.06
CA ARG B 215 -3.36 -16.16 26.50
C ARG B 215 -2.18 -16.62 27.34
N GLU B 216 -1.17 -17.19 26.69
CA GLU B 216 0.09 -17.48 27.37
C GLU B 216 1.30 -16.56 27.03
N LEU B 217 1.12 -15.23 26.94
CA LEU B 217 2.29 -14.35 26.82
C LEU B 217 2.75 -13.69 28.13
N PRO B 218 4.07 -13.57 28.33
CA PRO B 218 4.52 -12.88 29.54
C PRO B 218 4.05 -11.45 29.53
N GLU B 219 3.86 -10.88 30.71
CA GLU B 219 3.31 -9.53 30.83
C GLU B 219 4.09 -8.44 30.09
N ALA B 220 5.41 -8.53 30.00
CA ALA B 220 6.19 -7.51 29.30
C ALA B 220 5.85 -7.53 27.81
N GLN B 221 5.80 -8.72 27.22
CA GLN B 221 5.46 -8.86 25.82
C GLN B 221 4.01 -8.44 25.51
N ARG B 222 3.10 -8.71 26.44
CA ARG B 222 1.68 -8.38 26.30
C ARG B 222 1.45 -6.89 26.38
N GLU B 223 2.05 -6.27 27.38
CA GLU B 223 1.96 -4.83 27.59
C GLU B 223 2.53 -4.06 26.41
N ALA B 224 3.66 -4.54 25.89
CA ALA B 224 4.29 -3.94 24.74
C ALA B 224 3.36 -3.98 23.54
N LEU B 225 2.69 -5.12 23.32
CA LEU B 225 1.77 -5.22 22.19
C LEU B 225 0.60 -4.29 22.41
N LEU B 226 0.06 -4.26 23.62
CA LEU B 226 -1.06 -3.36 23.94
C LEU B 226 -0.72 -1.92 23.68
N GLY B 227 0.52 -1.54 23.99
CA GLY B 227 0.96 -0.13 23.83
C GLY B 227 1.09 0.27 22.38
N GLN B 228 1.14 -0.72 21.46
CA GLN B 228 1.18 -0.48 20.04
C GLN B 228 -0.23 -0.53 19.42
N ILE B 229 -1.27 -0.77 20.23
CA ILE B 229 -2.63 -0.90 19.73
C ILE B 229 -3.48 0.28 20.21
N PRO B 230 -3.82 1.20 19.30
CA PRO B 230 -4.64 2.36 19.65
C PRO B 230 -5.88 2.05 20.49
N LEU B 231 -6.64 1.01 20.17
CA LEU B 231 -7.79 0.67 21.00
C LEU B 231 -7.37 0.21 22.40
N GLY B 232 -6.09 -0.10 22.61
CA GLY B 232 -5.60 -0.45 23.94
C GLY B 232 -6.12 -1.80 24.46
N ARG B 233 -6.52 -2.71 23.59
CA ARG B 233 -6.98 -4.03 24.02
C ARG B 233 -6.73 -5.01 22.91
N LEU B 234 -6.81 -6.27 23.26
CA LEU B 234 -6.82 -7.35 22.27
C LEU B 234 -8.17 -7.38 21.64
N GLY B 235 -8.23 -7.83 20.39
CA GLY B 235 -9.49 -8.12 19.75
C GLY B 235 -10.02 -9.45 20.22
N GLN B 236 -11.33 -9.64 20.10
CA GLN B 236 -11.96 -10.93 20.38
C GLN B 236 -12.15 -11.72 19.08
N ALA B 237 -12.23 -13.04 19.22
CA ALA B 237 -12.48 -13.93 18.11
C ALA B 237 -13.76 -13.55 17.40
N GLU B 238 -14.78 -13.27 18.18
CA GLU B 238 -16.09 -12.85 17.68
CA GLU B 238 -16.10 -12.84 17.67
C GLU B 238 -16.00 -11.61 16.78
N GLU B 239 -14.99 -10.77 17.01
CA GLU B 239 -14.82 -9.54 16.25
C GLU B 239 -14.24 -9.82 14.87
N ILE B 240 -13.51 -10.91 14.72
CA ILE B 240 -13.05 -11.32 13.42
C ILE B 240 -14.25 -11.92 12.70
N ALA B 241 -15.01 -12.71 13.44
CA ALA B 241 -16.16 -13.42 12.90
C ALA B 241 -17.28 -12.55 12.34
N LYS B 242 -17.51 -11.39 12.96
CA LYS B 242 -18.53 -10.48 12.47
C LYS B 242 -18.14 -9.91 11.13
N VAL B 243 -16.85 -9.68 10.93
CA VAL B 243 -16.36 -9.15 9.64
C VAL B 243 -16.55 -10.17 8.56
N VAL B 244 -16.22 -11.42 8.88
CA VAL B 244 -16.42 -12.53 7.96
C VAL B 244 -17.90 -12.68 7.60
N GLY B 245 -18.78 -12.61 8.59
CA GLY B 245 -20.21 -12.77 8.34
C GLY B 245 -20.76 -11.65 7.49
N PHE B 246 -20.25 -10.43 7.69
CA PHE B 246 -20.62 -9.35 6.81
C PHE B 246 -20.17 -9.60 5.34
N LEU B 247 -18.91 -10.00 5.15
CA LEU B 247 -18.37 -10.23 3.82
C LEU B 247 -19.15 -11.32 3.08
N ALA B 248 -19.68 -12.30 3.82
CA ALA B 248 -20.46 -13.38 3.26
C ALA B 248 -21.87 -12.96 2.81
N SER B 249 -22.31 -11.78 3.20
CA SER B 249 -23.70 -11.35 3.01
C SER B 249 -23.93 -10.76 1.63
N ASP B 250 -25.18 -10.51 1.27
CA ASP B 250 -25.48 -9.93 -0.04
C ASP B 250 -25.03 -8.48 -0.11
N GLY B 251 -24.96 -7.83 1.04
CA GLY B 251 -24.60 -6.42 1.11
C GLY B 251 -23.15 -6.15 0.87
N ALA B 252 -22.31 -7.17 0.97
CA ALA B 252 -20.89 -7.01 0.63
C ALA B 252 -20.64 -7.47 -0.80
N ALA B 253 -21.67 -7.46 -1.64
CA ALA B 253 -21.51 -8.05 -2.97
C ALA B 253 -20.58 -7.26 -3.88
N TYR B 254 -20.39 -5.97 -3.61
CA TYR B 254 -19.47 -5.21 -4.45
C TYR B 254 -18.07 -5.14 -3.83
N VAL B 255 -17.87 -5.81 -2.70
CA VAL B 255 -16.54 -5.92 -2.09
C VAL B 255 -15.87 -7.17 -2.59
N THR B 256 -14.84 -7.01 -3.38
CA THR B 256 -14.04 -8.15 -3.75
C THR B 256 -12.58 -7.72 -3.95
N GLY B 257 -11.68 -8.65 -3.68
CA GLY B 257 -10.23 -8.40 -3.82
C GLY B 257 -9.65 -7.63 -2.66
N ALA B 258 -10.44 -7.47 -1.58
CA ALA B 258 -10.04 -6.66 -0.48
C ALA B 258 -9.48 -7.52 0.60
N THR B 259 -8.50 -6.97 1.31
CA THR B 259 -8.05 -7.52 2.57
C THR B 259 -8.44 -6.54 3.69
N VAL B 260 -9.38 -6.93 4.54
CA VAL B 260 -9.87 -6.06 5.59
C VAL B 260 -9.05 -6.32 6.84
N PRO B 261 -8.32 -5.29 7.32
CA PRO B 261 -7.49 -5.45 8.55
C PRO B 261 -8.35 -5.25 9.77
N VAL B 262 -8.22 -6.15 10.74
CA VAL B 262 -9.01 -6.13 11.94
C VAL B 262 -8.06 -6.21 13.13
N ASN B 263 -7.46 -5.06 13.45
CA ASN B 263 -6.27 -5.01 14.33
C ASN B 263 -6.26 -3.86 15.32
N GLY B 264 -7.41 -3.22 15.53
CA GLY B 264 -7.50 -2.17 16.52
C GLY B 264 -6.59 -0.97 16.24
N GLY B 265 -6.18 -0.82 15.00
CA GLY B 265 -5.36 0.31 14.60
C GLY B 265 -3.87 0.09 14.63
N MET B 266 -3.45 -1.12 14.93
CA MET B 266 -2.03 -1.50 14.90
C MET B 266 -1.64 -2.09 13.55
N TYR B 267 -0.87 -1.34 12.77
CA TYR B 267 -0.51 -1.77 11.41
C TYR B 267 0.98 -2.05 11.35
N MET B 268 1.33 -3.30 11.08
CA MET B 268 2.72 -3.65 10.88
C MET B 268 2.92 -3.83 9.37
N SER B 269 3.77 -2.97 8.78
CA SER B 269 4.19 -3.11 7.37
C SER B 269 5.54 -3.83 7.32
N HIS C 3 -37.31 30.37 3.57
CA HIS C 3 -36.01 29.64 3.62
C HIS C 3 -35.78 29.07 5.02
N HIS C 4 -36.16 27.82 5.22
CA HIS C 4 -35.97 27.11 6.50
C HIS C 4 -34.91 26.04 6.36
N HIS C 5 -34.06 25.93 7.37
CA HIS C 5 -32.80 25.19 7.25
C HIS C 5 -32.76 23.90 8.10
N HIS C 6 -33.83 23.66 8.87
CA HIS C 6 -33.95 22.54 9.80
C HIS C 6 -35.33 21.93 9.57
N HIS C 7 -35.36 20.69 9.10
CA HIS C 7 -36.61 20.05 8.71
C HIS C 7 -36.70 18.67 9.33
N SER C 8 -37.47 18.49 10.40
CA SER C 8 -37.57 17.17 11.07
C SER C 8 -38.45 16.18 10.27
N SER C 9 -38.60 14.97 10.78
CA SER C 9 -39.42 13.97 10.09
C SER C 9 -40.38 13.30 11.09
N ASN C 17 -46.26 0.83 16.29
CA ASN C 17 -45.36 0.06 17.16
C ASN C 17 -44.79 -1.18 16.42
N LEU C 18 -44.02 -0.90 15.36
CA LEU C 18 -43.41 -1.93 14.57
C LEU C 18 -41.92 -1.95 14.88
N TYR C 19 -41.32 -3.13 15.08
CA TYR C 19 -39.93 -3.21 15.49
C TYR C 19 -39.14 -4.10 14.56
N PHE C 20 -38.46 -3.48 13.60
CA PHE C 20 -37.75 -4.24 12.58
C PHE C 20 -36.50 -4.78 13.20
N GLN C 21 -36.17 -6.02 12.85
CA GLN C 21 -35.04 -6.72 13.48
C GLN C 21 -33.65 -6.16 13.15
N SER C 22 -33.58 -5.36 12.10
CA SER C 22 -32.32 -4.79 11.64
C SER C 22 -31.85 -3.68 12.60
N MET C 23 -32.75 -3.20 13.45
CA MET C 23 -32.50 -2.10 14.34
C MET C 23 -31.66 -2.43 15.58
N SER C 24 -30.35 -2.41 15.40
CA SER C 24 -29.37 -2.68 16.43
C SER C 24 -28.63 -1.39 16.86
N LEU C 25 -28.98 -0.30 16.20
CA LEU C 25 -28.42 1.04 16.51
C LEU C 25 -29.19 1.82 17.57
N GLN C 26 -30.17 1.18 18.20
CA GLN C 26 -30.75 1.66 19.46
C GLN C 26 -30.93 3.18 19.59
N GLY C 27 -31.66 3.73 18.65
CA GLY C 27 -31.82 5.20 18.62
C GLY C 27 -30.61 6.18 18.52
N LYS C 28 -29.34 5.65 18.43
CA LYS C 28 -28.03 6.41 18.43
C LYS C 28 -28.29 7.42 17.37
N VAL C 29 -27.61 8.54 17.51
CA VAL C 29 -27.78 9.65 16.60
C VAL C 29 -26.64 9.62 15.62
N ALA C 30 -26.97 9.61 14.33
CA ALA C 30 -25.94 9.56 13.29
C ALA C 30 -26.06 10.79 12.43
N LEU C 31 -24.91 11.36 12.10
CA LEU C 31 -24.83 12.51 11.27
C LEU C 31 -24.19 12.08 9.96
N VAL C 32 -24.87 12.35 8.86
CA VAL C 32 -24.41 11.95 7.55
C VAL C 32 -24.39 13.19 6.66
N THR C 33 -23.20 13.63 6.29
CA THR C 33 -23.07 14.82 5.48
C THR C 33 -23.27 14.47 4.01
N GLY C 34 -23.73 15.43 3.22
CA GLY C 34 -23.98 15.19 1.79
C GLY C 34 -25.06 14.14 1.53
N ALA C 35 -26.15 14.21 2.30
CA ALA C 35 -27.14 13.13 2.34
C ALA C 35 -28.30 13.27 1.34
N SER C 36 -28.24 14.24 0.42
CA SER C 36 -29.43 14.56 -0.38
C SER C 36 -29.59 13.68 -1.63
N ARG C 37 -28.50 13.08 -2.09
CA ARG C 37 -28.50 12.26 -3.28
C ARG C 37 -27.53 11.07 -3.20
N GLY C 38 -27.66 10.15 -4.14
CA GLY C 38 -26.70 9.04 -4.32
C GLY C 38 -26.25 8.27 -3.09
N ILE C 39 -24.94 8.19 -2.93
CA ILE C 39 -24.29 7.45 -1.86
C ILE C 39 -24.67 7.97 -0.48
N GLY C 40 -24.61 9.27 -0.29
CA GLY C 40 -25.02 9.90 0.98
C GLY C 40 -26.45 9.59 1.36
N GLN C 41 -27.36 9.65 0.38
CA GLN C 41 -28.78 9.32 0.66
C GLN C 41 -28.88 7.88 1.12
N ALA C 42 -28.25 7.01 0.37
CA ALA C 42 -28.32 5.60 0.65
C ALA C 42 -27.71 5.30 2.04
N ILE C 43 -26.62 5.98 2.40
CA ILE C 43 -26.06 5.81 3.73
C ILE C 43 -27.04 6.25 4.81
N ALA C 44 -27.70 7.37 4.58
CA ALA C 44 -28.73 7.84 5.52
C ALA C 44 -29.87 6.84 5.72
N LEU C 45 -30.40 6.31 4.62
CA LEU C 45 -31.46 5.29 4.72
C LEU C 45 -30.97 3.98 5.38
N GLU C 46 -29.74 3.57 5.07
CA GLU C 46 -29.25 2.32 5.65
C GLU C 46 -29.05 2.47 7.18
N LEU C 47 -28.52 3.61 7.64
CA LEU C 47 -28.41 3.82 9.09
C LEU C 47 -29.78 3.96 9.72
N GLY C 48 -30.73 4.51 8.95
CA GLY C 48 -32.13 4.56 9.40
C GLY C 48 -32.67 3.14 9.56
N ARG C 49 -32.56 2.34 8.52
CA ARG C 49 -32.96 0.96 8.58
C ARG C 49 -32.37 0.25 9.82
N LEU C 50 -31.11 0.55 10.18
CA LEU C 50 -30.48 -0.07 11.36
C LEU C 50 -30.86 0.54 12.73
N GLY C 51 -31.73 1.52 12.72
CA GLY C 51 -32.35 2.00 13.96
C GLY C 51 -31.77 3.28 14.54
N ALA C 52 -30.86 3.90 13.81
CA ALA C 52 -30.31 5.17 14.23
C ALA C 52 -31.31 6.30 13.95
N VAL C 53 -31.19 7.37 14.73
CA VAL C 53 -31.83 8.63 14.43
C VAL C 53 -30.88 9.40 13.54
N VAL C 54 -31.34 9.78 12.36
CA VAL C 54 -30.43 10.25 11.32
C VAL C 54 -30.61 11.72 10.98
N ILE C 55 -29.51 12.45 11.09
CA ILE C 55 -29.42 13.82 10.61
C ILE C 55 -28.61 13.80 9.34
N GLY C 56 -29.25 14.04 8.21
CA GLY C 56 -28.57 14.21 6.96
C GLY C 56 -28.42 15.70 6.67
N THR C 57 -27.38 16.09 5.97
CA THR C 57 -27.11 17.48 5.72
C THR C 57 -26.86 17.75 4.26
N ALA C 58 -27.12 18.99 3.86
CA ALA C 58 -26.78 19.50 2.56
C ALA C 58 -26.36 20.94 2.73
N THR C 59 -25.93 21.57 1.64
CA THR C 59 -25.41 22.92 1.71
C THR C 59 -26.50 23.95 1.52
N SER C 60 -27.69 23.51 1.12
CA SER C 60 -28.81 24.43 0.89
C SER C 60 -30.09 23.98 1.57
N ALA C 61 -30.94 24.94 1.81
CA ALA C 61 -32.23 24.72 2.42
C ALA C 61 -33.12 23.75 1.63
N SER C 62 -33.09 23.81 0.30
CA SER C 62 -33.94 22.89 -0.51
C SER C 62 -33.45 21.45 -0.43
N GLY C 63 -32.13 21.25 -0.36
CA GLY C 63 -31.56 19.92 -0.08
C GLY C 63 -31.91 19.40 1.32
N ALA C 64 -31.80 20.26 2.33
CA ALA C 64 -32.18 19.86 3.69
C ALA C 64 -33.64 19.44 3.73
N GLU C 65 -34.51 20.17 3.04
CA GLU C 65 -35.92 19.77 2.91
C GLU C 65 -36.08 18.42 2.20
N LYS C 66 -35.43 18.22 1.06
CA LYS C 66 -35.51 16.93 0.35
C LYS C 66 -35.07 15.75 1.23
N ILE C 67 -33.99 15.94 1.98
CA ILE C 67 -33.52 14.94 2.93
C ILE C 67 -34.66 14.57 3.91
N ALA C 68 -35.30 15.57 4.49
CA ALA C 68 -36.33 15.30 5.52
C ALA C 68 -37.48 14.53 4.92
N GLU C 69 -37.89 14.91 3.71
CA GLU C 69 -38.96 14.25 2.95
C GLU C 69 -38.59 12.80 2.67
N THR C 70 -37.36 12.58 2.22
CA THR C 70 -36.84 11.24 1.98
C THR C 70 -36.87 10.40 3.25
N LEU C 71 -36.43 10.96 4.37
CA LEU C 71 -36.39 10.22 5.63
C LEU C 71 -37.80 9.84 6.05
N LYS C 72 -38.72 10.81 5.99
CA LYS C 72 -40.11 10.61 6.37
C LYS C 72 -40.77 9.51 5.53
N ALA C 73 -40.58 9.58 4.21
CA ALA C 73 -41.10 8.59 3.29
C ALA C 73 -40.57 7.16 3.50
N ASN C 74 -39.49 6.99 4.27
CA ASN C 74 -38.97 5.67 4.58
C ASN C 74 -39.05 5.37 6.06
N GLY C 75 -39.84 6.16 6.77
CA GLY C 75 -40.10 5.94 8.18
C GLY C 75 -38.87 5.98 9.07
N VAL C 76 -37.99 6.93 8.81
CA VAL C 76 -36.78 7.10 9.60
C VAL C 76 -36.91 8.40 10.37
N GLU C 77 -36.70 8.33 11.67
CA GLU C 77 -36.67 9.49 12.49
C GLU C 77 -35.37 10.25 12.28
N GLY C 78 -35.46 11.57 12.30
CA GLY C 78 -34.29 12.42 12.17
C GLY C 78 -34.62 13.75 11.54
N ALA C 79 -33.65 14.33 10.84
CA ALA C 79 -33.84 15.64 10.22
C ALA C 79 -32.89 15.86 9.06
N GLY C 80 -33.20 16.89 8.29
CA GLY C 80 -32.30 17.42 7.27
C GLY C 80 -31.90 18.80 7.68
N LEU C 81 -30.60 19.07 7.75
CA LEU C 81 -30.10 20.38 8.12
C LEU C 81 -29.12 20.87 7.11
N VAL C 82 -28.85 22.16 7.20
CA VAL C 82 -27.89 22.80 6.34
C VAL C 82 -26.57 22.85 7.08
N LEU C 83 -25.52 22.40 6.39
CA LEU C 83 -24.19 22.35 6.98
C LEU C 83 -23.21 22.60 5.90
N ASP C 84 -22.30 23.53 6.13
CA ASP C 84 -21.19 23.77 5.24
C ASP C 84 -19.92 23.32 5.97
N VAL C 85 -19.36 22.20 5.55
CA VAL C 85 -18.23 21.58 6.30
C VAL C 85 -16.95 22.35 6.14
N SER C 86 -16.90 23.26 5.17
CA SER C 86 -15.74 24.15 5.00
C SER C 86 -15.68 25.32 6.00
N SER C 87 -16.73 25.51 6.78
CA SER C 87 -16.86 26.66 7.67
C SER C 87 -16.89 26.29 9.15
N ASP C 88 -15.90 26.79 9.91
CA ASP C 88 -15.88 26.60 11.37
C ASP C 88 -17.16 27.03 12.08
N GLU C 89 -17.73 28.13 11.63
CA GLU C 89 -18.97 28.69 12.21
C GLU C 89 -20.17 27.78 11.93
N SER C 90 -20.31 27.38 10.67
CA SER C 90 -21.38 26.46 10.30
C SER C 90 -21.32 25.17 11.11
N VAL C 91 -20.12 24.59 11.23
CA VAL C 91 -19.93 23.36 11.97
C VAL C 91 -20.24 23.47 13.46
N ALA C 92 -19.68 24.48 14.11
CA ALA C 92 -19.99 24.70 15.55
C ALA C 92 -21.49 24.92 15.82
N ALA C 93 -22.15 25.71 14.97
CA ALA C 93 -23.58 26.01 15.16
C ALA C 93 -24.48 24.83 14.88
N THR C 94 -24.20 24.13 13.79
CA THR C 94 -24.99 22.96 13.46
C THR C 94 -24.84 21.93 14.58
N LEU C 95 -23.63 21.68 15.04
CA LEU C 95 -23.46 20.70 16.11
CA LEU C 95 -23.44 20.69 16.10
C LEU C 95 -24.23 21.09 17.34
N GLU C 96 -24.14 22.36 17.72
CA GLU C 96 -24.87 22.81 18.92
C GLU C 96 -26.37 22.61 18.73
N HIS C 97 -26.88 22.94 17.56
CA HIS C 97 -28.30 22.75 17.23
C HIS C 97 -28.66 21.27 17.38
N ILE C 98 -27.82 20.40 16.83
CA ILE C 98 -28.06 18.99 16.95
C ILE C 98 -28.05 18.56 18.43
N GLN C 99 -27.09 19.06 19.18
CA GLN C 99 -27.01 18.74 20.62
C GLN C 99 -28.27 19.16 21.34
N GLN C 100 -28.71 20.39 21.07
CA GLN C 100 -29.87 20.96 21.75
C GLN C 100 -31.17 20.20 21.42
N HIS C 101 -31.36 19.79 20.19
CA HIS C 101 -32.63 19.21 19.75
C HIS C 101 -32.71 17.68 19.60
N LEU C 102 -31.58 17.00 19.45
CA LEU C 102 -31.59 15.55 19.21
C LEU C 102 -30.64 14.72 20.08
N GLY C 103 -29.46 15.26 20.34
CA GLY C 103 -28.45 14.58 21.15
C GLY C 103 -27.10 14.59 20.44
N GLN C 104 -26.09 14.02 21.09
CA GLN C 104 -24.73 13.97 20.56
C GLN C 104 -24.65 12.96 19.46
N PRO C 105 -24.18 13.38 18.28
CA PRO C 105 -24.05 12.38 17.24
C PRO C 105 -22.82 11.51 17.53
N LEU C 106 -23.02 10.21 17.67
CA LEU C 106 -21.94 9.30 17.98
C LEU C 106 -21.55 8.47 16.77
N ILE C 107 -22.28 8.63 15.66
CA ILE C 107 -21.90 8.08 14.38
C ILE C 107 -21.86 9.24 13.39
N VAL C 108 -20.72 9.45 12.77
CA VAL C 108 -20.54 10.54 11.84
C VAL C 108 -19.89 9.99 10.60
N VAL C 109 -20.57 10.21 9.48
CA VAL C 109 -20.15 9.78 8.18
C VAL C 109 -19.86 11.03 7.32
N ASN C 110 -18.61 11.25 6.98
CA ASN C 110 -18.22 12.39 6.17
C ASN C 110 -18.30 12.02 4.71
N ASN C 111 -19.28 12.55 4.02
CA ASN C 111 -19.48 12.26 2.62
C ASN C 111 -19.51 13.53 1.76
N ALA C 112 -19.83 14.68 2.36
CA ALA C 112 -19.73 16.00 1.67
C ALA C 112 -18.30 16.33 1.13
N GLY C 113 -18.15 16.42 -0.19
CA GLY C 113 -16.84 16.60 -0.84
C GLY C 113 -16.90 17.59 -2.00
N ASP C 126 -2.53 22.59 -9.05
CA ASP C 126 -3.87 22.92 -9.61
C ASP C 126 -4.95 22.17 -8.86
N GLU C 127 -5.79 21.43 -9.58
CA GLU C 127 -6.99 20.88 -8.96
C GLU C 127 -6.58 19.84 -7.93
N TRP C 128 -5.70 18.94 -8.37
CA TRP C 128 -5.37 17.76 -7.58
C TRP C 128 -5.02 18.14 -6.16
N PHE C 129 -4.16 19.16 -6.00
CA PHE C 129 -3.69 19.51 -4.69
C PHE C 129 -4.78 20.09 -3.83
N ASP C 130 -5.45 21.13 -4.33
CA ASP C 130 -6.47 21.85 -3.54
C ASP C 130 -7.65 20.96 -3.19
N VAL C 131 -8.09 20.12 -4.11
CA VAL C 131 -9.18 19.19 -3.83
C VAL C 131 -8.88 18.38 -2.59
N VAL C 132 -7.73 17.71 -2.56
CA VAL C 132 -7.41 16.81 -1.46
C VAL C 132 -7.19 17.59 -0.17
N ASN C 133 -6.45 18.67 -0.27
CA ASN C 133 -6.22 19.53 0.88
C ASN C 133 -7.48 20.14 1.51
N THR C 134 -8.39 20.58 0.65
CA THR C 134 -9.67 21.10 1.11
C THR C 134 -10.49 19.96 1.74
N ASN C 135 -10.52 18.81 1.12
CA ASN C 135 -11.27 17.71 1.70
C ASN C 135 -10.77 17.34 3.09
N LEU C 136 -9.45 17.18 3.25
CA LEU C 136 -8.92 16.70 4.52
C LEU C 136 -9.06 17.74 5.61
N ASN C 137 -9.01 19.01 5.25
CA ASN C 137 -9.35 20.06 6.19
C ASN C 137 -10.81 19.95 6.66
N SER C 138 -11.73 19.66 5.75
CA SER C 138 -13.14 19.43 6.11
C SER C 138 -13.26 18.23 7.05
N LEU C 139 -12.61 17.10 6.70
CA LEU C 139 -12.72 15.92 7.54
C LEU C 139 -12.23 16.27 8.91
N TYR C 140 -11.12 17.00 8.99
CA TYR C 140 -10.46 17.24 10.27
C TYR C 140 -11.36 18.14 11.13
N ARG C 141 -11.85 19.21 10.52
CA ARG C 141 -12.75 20.16 11.18
C ARG C 141 -13.93 19.44 11.84
N LEU C 142 -14.68 18.71 11.03
CA LEU C 142 -15.90 18.11 11.51
C LEU C 142 -15.58 17.03 12.54
N SER C 143 -14.56 16.24 12.25
CA SER C 143 -14.16 15.15 13.13
C SER C 143 -13.79 15.71 14.49
N LYS C 144 -12.92 16.71 14.51
CA LYS C 144 -12.50 17.31 15.76
C LYS C 144 -13.68 17.84 16.60
N ALA C 145 -14.69 18.39 15.92
CA ALA C 145 -15.81 18.98 16.63
C ALA C 145 -16.71 17.94 17.25
N VAL C 146 -16.82 16.76 16.64
CA VAL C 146 -17.72 15.71 17.20
C VAL C 146 -17.04 14.85 18.23
N LEU C 147 -15.70 14.94 18.33
CA LEU C 147 -14.92 14.09 19.23
C LEU C 147 -15.20 14.32 20.68
N ARG C 148 -15.54 15.55 21.04
CA ARG C 148 -15.81 15.83 22.44
C ARG C 148 -16.96 14.96 22.95
N GLY C 149 -18.06 14.93 22.21
CA GLY C 149 -19.20 14.15 22.59
C GLY C 149 -18.92 12.65 22.58
N MET C 150 -18.09 12.20 21.65
CA MET C 150 -17.79 10.77 21.56
C MET C 150 -16.88 10.39 22.73
N THR C 151 -15.93 11.28 23.04
CA THR C 151 -15.03 11.12 24.19
C THR C 151 -15.84 10.99 25.48
N LYS C 152 -16.83 11.85 25.69
CA LYS C 152 -17.71 11.77 26.85
C LYS C 152 -18.42 10.42 26.97
N ALA C 153 -19.01 9.97 25.86
CA ALA C 153 -19.72 8.69 25.85
C ALA C 153 -18.77 7.48 25.83
N ARG C 154 -17.47 7.72 25.62
CA ARG C 154 -16.48 6.65 25.48
C ARG C 154 -16.93 5.65 24.44
N TRP C 155 -17.46 6.18 23.34
CA TRP C 155 -17.87 5.37 22.20
C TRP C 155 -18.05 6.26 20.98
N GLY C 156 -17.67 5.78 19.82
CA GLY C 156 -17.90 6.54 18.59
C GLY C 156 -17.49 5.82 17.32
N ARG C 157 -18.05 6.29 16.21
CA ARG C 157 -17.78 5.80 14.87
C ARG C 157 -17.68 6.95 13.91
N ILE C 158 -16.52 7.10 13.31
CA ILE C 158 -16.30 8.09 12.26
C ILE C 158 -15.97 7.33 10.97
N ILE C 159 -16.71 7.62 9.91
CA ILE C 159 -16.54 6.92 8.65
C ILE C 159 -16.45 7.90 7.50
N ASN C 160 -15.36 7.79 6.74
CA ASN C 160 -15.00 8.75 5.70
C ASN C 160 -15.20 8.15 4.34
N ILE C 161 -15.99 8.79 3.48
CA ILE C 161 -16.33 8.23 2.20
C ILE C 161 -15.45 8.86 1.16
N GLY C 162 -14.68 8.06 0.44
CA GLY C 162 -13.81 8.60 -0.56
C GLY C 162 -14.56 9.09 -1.76
N SER C 163 -13.80 9.88 -2.51
CA SER C 163 -14.00 10.18 -3.95
C SER C 163 -14.40 8.92 -4.79
N VAL C 164 -15.63 8.96 -5.29
CA VAL C 164 -16.10 7.99 -6.23
C VAL C 164 -15.29 8.23 -7.48
N VAL C 165 -15.06 7.20 -8.26
CA VAL C 165 -14.37 7.40 -9.52
C VAL C 165 -15.32 8.20 -10.43
N GLY C 166 -15.24 9.54 -10.51
CA GLY C 166 -14.17 10.35 -9.91
C GLY C 166 -13.15 10.64 -10.97
N ALA C 167 -12.53 9.55 -11.43
CA ALA C 167 -11.60 9.53 -12.55
C ALA C 167 -11.67 8.32 -13.52
N MET C 168 -11.96 8.66 -14.78
CA MET C 168 -12.33 7.72 -15.85
C MET C 168 -11.20 7.13 -16.73
N GLY C 169 -10.49 8.01 -17.44
CA GLY C 169 -9.31 7.68 -18.25
C GLY C 169 -7.99 8.07 -17.56
N ASN C 170 -7.34 9.14 -18.05
CA ASN C 170 -5.94 9.51 -17.66
C ASN C 170 -5.70 10.61 -16.57
N ALA C 171 -6.09 11.85 -16.86
CA ALA C 171 -5.93 13.03 -15.96
C ALA C 171 -6.72 12.95 -14.63
N GLY C 172 -7.92 12.42 -14.73
CA GLY C 172 -8.74 12.16 -13.56
C GLY C 172 -8.10 11.14 -12.61
N GLN C 173 -7.50 10.10 -13.16
CA GLN C 173 -6.98 9.02 -12.29
C GLN C 173 -5.95 9.52 -11.28
N THR C 174 -5.24 10.60 -11.67
CA THR C 174 -4.30 11.30 -10.78
C THR C 174 -5.02 11.83 -9.53
N ASN C 175 -6.15 12.47 -9.78
CA ASN C 175 -6.94 13.03 -8.71
C ASN C 175 -7.50 11.93 -7.80
N TYR C 176 -7.94 10.82 -8.40
CA TYR C 176 -8.47 9.69 -7.66
C TYR C 176 -7.42 9.03 -6.77
N ALA C 177 -6.24 8.78 -7.32
CA ALA C 177 -5.17 8.14 -6.54
C ALA C 177 -4.67 9.04 -5.42
N ALA C 178 -4.61 10.33 -5.70
CA ALA C 178 -4.15 11.29 -4.72
C ALA C 178 -5.16 11.36 -3.59
N ALA C 179 -6.44 11.47 -3.94
CA ALA C 179 -7.50 11.59 -2.95
C ALA C 179 -7.53 10.31 -2.08
N LYS C 180 -7.27 9.15 -2.69
CA LYS C 180 -7.36 7.89 -1.97
C LYS C 180 -6.20 7.81 -0.99
N ALA C 181 -5.01 8.20 -1.45
CA ALA C 181 -3.81 8.19 -0.61
C ALA C 181 -3.93 9.12 0.60
N GLY C 182 -4.47 10.32 0.39
CA GLY C 182 -4.72 11.23 1.51
C GLY C 182 -5.76 10.68 2.49
N LEU C 183 -6.87 10.21 1.96
CA LEU C 183 -7.94 9.65 2.75
C LEU C 183 -7.42 8.53 3.66
N GLU C 184 -6.60 7.66 3.10
CA GLU C 184 -6.07 6.52 3.81
C GLU C 184 -5.08 6.93 4.93
N GLY C 185 -4.17 7.83 4.64
CA GLY C 185 -3.19 8.26 5.63
C GLY C 185 -3.90 9.04 6.73
N PHE C 186 -4.82 9.90 6.34
CA PHE C 186 -5.57 10.69 7.33
C PHE C 186 -6.36 9.79 8.24
N THR C 187 -7.06 8.83 7.65
CA THR C 187 -7.93 7.95 8.38
C THR C 187 -7.12 7.17 9.39
N ARG C 188 -5.97 6.72 8.96
CA ARG C 188 -5.12 5.92 9.81
C ARG C 188 -4.52 6.72 10.96
N ALA C 189 -4.11 7.96 10.69
CA ALA C 189 -3.59 8.80 11.74
C ALA C 189 -4.67 9.16 12.75
N LEU C 190 -5.87 9.54 12.30
CA LEU C 190 -6.88 9.97 13.25
C LEU C 190 -7.27 8.78 14.12
N ALA C 191 -7.37 7.61 13.50
CA ALA C 191 -7.66 6.38 14.22
C ALA C 191 -6.68 6.14 15.34
N ARG C 192 -5.39 6.37 15.11
CA ARG C 192 -4.38 6.22 16.19
C ARG C 192 -4.56 7.21 17.31
N GLU C 193 -4.93 8.44 16.98
CA GLU C 193 -5.08 9.50 17.96
C GLU C 193 -6.25 9.26 18.89
N VAL C 194 -7.38 8.79 18.35
CA VAL C 194 -8.59 8.70 19.16
C VAL C 194 -8.97 7.31 19.67
N GLY C 195 -8.21 6.31 19.30
CA GLY C 195 -8.51 4.94 19.67
C GLY C 195 -8.63 4.63 21.15
N SER C 196 -7.75 5.18 21.97
CA SER C 196 -7.82 4.89 23.41
C SER C 196 -9.21 5.20 23.98
N ARG C 197 -9.99 6.01 23.25
CA ARG C 197 -11.35 6.37 23.66
C ARG C 197 -12.44 5.51 23.10
N ALA C 198 -12.07 4.40 22.49
CA ALA C 198 -13.05 3.48 21.90
C ALA C 198 -13.89 4.19 20.82
N ILE C 199 -13.19 4.93 20.00
CA ILE C 199 -13.75 5.54 18.81
C ILE C 199 -12.99 4.98 17.64
N THR C 200 -13.69 4.38 16.70
CA THR C 200 -13.05 3.86 15.49
C THR C 200 -13.17 4.90 14.37
N VAL C 201 -12.14 4.96 13.53
CA VAL C 201 -12.14 5.82 12.37
C VAL C 201 -11.77 5.04 11.13
N ASN C 202 -12.70 4.91 10.19
CA ASN C 202 -12.48 4.13 8.99
C ASN C 202 -12.90 4.86 7.76
N ALA C 203 -12.56 4.26 6.61
CA ALA C 203 -12.89 4.85 5.32
C ALA C 203 -13.37 3.81 4.35
N VAL C 204 -14.16 4.27 3.40
CA VAL C 204 -14.73 3.41 2.35
C VAL C 204 -14.44 4.10 1.05
N ALA C 205 -13.73 3.39 0.18
CA ALA C 205 -13.22 3.90 -1.07
C ALA C 205 -14.00 3.28 -2.23
N PRO C 206 -15.04 3.96 -2.70
CA PRO C 206 -15.82 3.39 -3.78
C PRO C 206 -15.09 3.41 -5.10
N GLY C 207 -15.40 2.42 -5.93
CA GLY C 207 -14.93 2.39 -7.31
C GLY C 207 -15.96 3.11 -8.17
N PHE C 208 -16.40 2.44 -9.23
CA PHE C 208 -17.40 2.99 -10.15
C PHE C 208 -18.80 2.65 -9.74
N ILE C 209 -19.52 3.66 -9.31
CA ILE C 209 -20.83 3.45 -8.74
C ILE C 209 -21.87 3.98 -9.72
N ASP C 210 -23.00 3.30 -9.73
CA ASP C 210 -24.08 3.59 -10.64
C ASP C 210 -24.81 4.87 -10.23
N THR C 211 -24.63 5.92 -11.03
CA THR C 211 -25.33 7.18 -10.81
C THR C 211 -25.85 7.73 -12.16
N ASP C 212 -26.37 8.94 -12.10
CA ASP C 212 -26.86 9.65 -13.29
C ASP C 212 -25.77 9.86 -14.32
N MET C 213 -24.58 10.25 -13.86
CA MET C 213 -23.44 10.49 -14.75
C MET C 213 -23.03 9.22 -15.51
N THR C 214 -22.96 8.10 -14.80
CA THR C 214 -22.39 6.87 -15.37
C THR C 214 -23.39 6.07 -16.21
N ARG C 215 -24.68 6.29 -16.02
CA ARG C 215 -25.71 5.64 -16.85
C ARG C 215 -25.80 6.27 -18.25
N GLU C 216 -25.43 7.54 -18.36
CA GLU C 216 -25.61 8.29 -19.60
C GLU C 216 -24.31 8.41 -20.37
N LEU C 217 -23.41 7.47 -20.12
CA LEU C 217 -22.24 7.28 -20.97
C LEU C 217 -22.66 6.47 -22.21
N PRO C 218 -22.09 6.80 -23.38
CA PRO C 218 -22.38 5.95 -24.54
C PRO C 218 -21.93 4.52 -24.31
N GLU C 219 -22.61 3.55 -24.94
CA GLU C 219 -22.37 2.11 -24.70
C GLU C 219 -20.90 1.66 -24.91
N ALA C 220 -20.20 2.27 -25.87
CA ALA C 220 -18.79 1.91 -26.07
C ALA C 220 -17.92 2.29 -24.88
N GLN C 221 -18.10 3.51 -24.38
CA GLN C 221 -17.34 3.99 -23.22
C GLN C 221 -17.69 3.20 -21.95
N ARG C 222 -18.95 2.82 -21.83
CA ARG C 222 -19.45 2.09 -20.66
C ARG C 222 -18.93 0.66 -20.64
N GLU C 223 -18.99 0.00 -21.80
CA GLU C 223 -18.50 -1.37 -21.99
C GLU C 223 -16.99 -1.46 -21.71
N ALA C 224 -16.28 -0.44 -22.16
CA ALA C 224 -14.85 -0.34 -21.88
C ALA C 224 -14.57 -0.21 -20.37
N LEU C 225 -15.38 0.57 -19.66
CA LEU C 225 -15.24 0.73 -18.22
C LEU C 225 -15.57 -0.61 -17.51
N LEU C 226 -16.62 -1.25 -17.97
CA LEU C 226 -17.04 -2.50 -17.37
C LEU C 226 -15.97 -3.56 -17.55
N GLY C 227 -15.24 -3.51 -18.66
CA GLY C 227 -14.17 -4.48 -18.92
C GLY C 227 -12.98 -4.33 -17.97
N GLN C 228 -12.91 -3.21 -17.26
CA GLN C 228 -11.88 -3.02 -16.25
C GLN C 228 -12.35 -3.47 -14.86
N ILE C 229 -13.61 -3.87 -14.75
CA ILE C 229 -14.19 -4.28 -13.49
C ILE C 229 -14.52 -5.78 -13.49
N PRO C 230 -13.76 -6.57 -12.74
CA PRO C 230 -13.98 -8.02 -12.70
C PRO C 230 -15.43 -8.45 -12.49
N LEU C 231 -16.15 -7.80 -11.57
CA LEU C 231 -17.56 -8.13 -11.41
C LEU C 231 -18.39 -7.75 -12.65
N GLY C 232 -17.85 -6.95 -13.55
CA GLY C 232 -18.52 -6.71 -14.84
C GLY C 232 -19.80 -5.88 -14.71
N ARG C 233 -19.91 -5.10 -13.63
CA ARG C 233 -21.04 -4.20 -13.46
C ARG C 233 -20.61 -3.02 -12.62
N LEU C 234 -21.43 -1.98 -12.64
CA LEU C 234 -21.26 -0.85 -11.72
C LEU C 234 -21.79 -1.27 -10.36
N GLY C 235 -21.21 -0.74 -9.29
CA GLY C 235 -21.73 -0.95 -7.96
C GLY C 235 -22.96 -0.10 -7.75
N GLN C 236 -23.82 -0.50 -6.84
CA GLN C 236 -24.95 0.33 -6.44
C GLN C 236 -24.61 1.19 -5.22
N ALA C 237 -25.30 2.33 -5.09
CA ALA C 237 -25.17 3.19 -3.93
C ALA C 237 -25.40 2.40 -2.62
N GLU C 238 -26.43 1.56 -2.61
CA GLU C 238 -26.79 0.71 -1.49
C GLU C 238 -25.62 -0.18 -1.05
N GLU C 239 -24.76 -0.54 -2.01
CA GLU C 239 -23.66 -1.46 -1.73
C GLU C 239 -22.51 -0.75 -1.01
N ILE C 240 -22.40 0.55 -1.18
CA ILE C 240 -21.49 1.34 -0.36
C ILE C 240 -22.08 1.47 1.02
N ALA C 241 -23.38 1.73 1.07
CA ALA C 241 -24.09 1.96 2.32
C ALA C 241 -24.10 0.78 3.29
N LYS C 242 -24.15 -0.43 2.77
CA LYS C 242 -24.12 -1.60 3.63
C LYS C 242 -22.77 -1.72 4.32
N VAL C 243 -21.70 -1.34 3.65
CA VAL C 243 -20.40 -1.40 4.24
C VAL C 243 -20.33 -0.41 5.38
N VAL C 244 -20.82 0.81 5.11
CA VAL C 244 -20.84 1.86 6.12
C VAL C 244 -21.64 1.43 7.35
N GLY C 245 -22.77 0.80 7.11
CA GLY C 245 -23.63 0.36 8.21
C GLY C 245 -22.99 -0.73 9.00
N PHE C 246 -22.24 -1.60 8.35
CA PHE C 246 -21.49 -2.59 9.10
C PHE C 246 -20.42 -1.93 9.99
N LEU C 247 -19.66 -1.00 9.44
CA LEU C 247 -18.58 -0.35 10.14
C LEU C 247 -19.09 0.41 11.37
N ALA C 248 -20.31 0.92 11.27
CA ALA C 248 -20.96 1.62 12.38
C ALA C 248 -21.44 0.70 13.51
N SER C 249 -21.46 -0.61 13.27
CA SER C 249 -22.07 -1.56 14.21
C SER C 249 -21.09 -1.96 15.31
N ASP C 250 -21.58 -2.68 16.32
CA ASP C 250 -20.74 -3.09 17.44
C ASP C 250 -19.77 -4.15 17.01
N GLY C 251 -20.13 -4.88 15.97
CA GLY C 251 -19.31 -5.96 15.48
C GLY C 251 -18.08 -5.53 14.74
N ALA C 252 -18.05 -4.28 14.29
CA ALA C 252 -16.86 -3.76 13.63
C ALA C 252 -16.02 -2.99 14.63
N ALA C 253 -16.16 -3.30 15.92
CA ALA C 253 -15.47 -2.54 16.96
C ALA C 253 -13.96 -2.69 16.96
N TYR C 254 -13.41 -3.76 16.38
CA TYR C 254 -11.94 -3.87 16.30
C TYR C 254 -11.39 -3.43 14.96
N VAL C 255 -12.26 -2.95 14.07
CA VAL C 255 -11.83 -2.41 12.82
C VAL C 255 -11.62 -0.91 13.01
N THR C 256 -10.37 -0.45 12.91
CA THR C 256 -10.12 0.96 12.94
C THR C 256 -8.86 1.28 12.16
N GLY C 257 -8.85 2.46 11.53
CA GLY C 257 -7.73 2.86 10.68
C GLY C 257 -7.74 2.24 9.28
N ALA C 258 -8.84 1.58 8.93
CA ALA C 258 -8.93 0.81 7.70
C ALA C 258 -9.64 1.62 6.63
N THR C 259 -9.18 1.46 5.38
CA THR C 259 -9.89 1.94 4.23
C THR C 259 -10.39 0.74 3.45
N VAL C 260 -11.69 0.55 3.42
CA VAL C 260 -12.28 -0.61 2.78
C VAL C 260 -12.66 -0.25 1.35
N PRO C 261 -11.99 -0.88 0.36
CA PRO C 261 -12.30 -0.60 -1.05
C PRO C 261 -13.54 -1.35 -1.47
N VAL C 262 -14.43 -0.65 -2.18
CA VAL C 262 -15.70 -1.21 -2.62
C VAL C 262 -15.83 -0.90 -4.10
N ASN C 263 -15.15 -1.70 -4.93
CA ASN C 263 -14.89 -1.39 -6.33
C ASN C 263 -15.00 -2.56 -7.28
N GLY C 264 -15.59 -3.66 -6.84
CA GLY C 264 -15.82 -4.79 -7.74
C GLY C 264 -14.54 -5.37 -8.31
N GLY C 265 -13.42 -5.09 -7.65
CA GLY C 265 -12.16 -5.68 -8.06
C GLY C 265 -11.31 -4.81 -8.96
N MET C 266 -11.77 -3.60 -9.27
CA MET C 266 -11.03 -2.62 -10.10
C MET C 266 -10.18 -1.80 -9.15
N TYR C 267 -8.86 -2.04 -9.13
CA TYR C 267 -7.94 -1.30 -8.23
C TYR C 267 -7.02 -0.40 -9.05
N MET C 268 -7.16 0.90 -8.85
CA MET C 268 -6.36 1.85 -9.60
C MET C 268 -5.29 2.32 -8.66
N SER C 269 -4.04 2.11 -9.03
CA SER C 269 -2.89 2.58 -8.23
C SER C 269 -2.42 3.94 -8.75
N LEU D 18 29.87 19.63 -26.11
CA LEU D 18 29.11 19.32 -24.87
C LEU D 18 29.64 18.05 -24.21
N TYR D 19 29.30 17.91 -22.92
CA TYR D 19 29.56 16.73 -22.10
C TYR D 19 28.37 15.83 -21.94
N PHE D 20 28.67 14.59 -21.62
CA PHE D 20 27.60 13.61 -21.44
C PHE D 20 28.07 12.39 -20.67
N GLN D 21 27.72 12.35 -19.39
CA GLN D 21 28.21 11.33 -18.50
C GLN D 21 27.16 10.89 -17.49
N SER D 22 27.19 9.60 -17.19
CA SER D 22 26.42 9.12 -16.08
C SER D 22 26.83 9.87 -14.83
N MET D 23 25.82 10.12 -14.02
CA MET D 23 25.98 10.70 -12.69
C MET D 23 26.43 12.17 -12.63
N SER D 24 26.82 12.79 -13.72
CA SER D 24 27.36 14.16 -13.66
C SER D 24 26.26 15.20 -13.78
N LEU D 25 26.34 16.23 -12.93
CA LEU D 25 25.39 17.33 -12.98
C LEU D 25 26.06 18.65 -13.40
N GLN D 26 27.12 18.57 -14.19
CA GLN D 26 27.90 19.72 -14.54
C GLN D 26 26.97 20.62 -15.30
N GLY D 27 26.96 21.91 -14.98
CA GLY D 27 26.15 22.86 -15.72
C GLY D 27 24.73 22.97 -15.21
N LYS D 28 24.42 22.25 -14.13
CA LYS D 28 23.12 22.45 -13.52
C LYS D 28 23.13 23.11 -12.17
N VAL D 29 22.05 23.86 -11.99
CA VAL D 29 21.88 24.60 -10.77
C VAL D 29 20.90 23.81 -9.93
N ALA D 30 21.29 23.54 -8.70
CA ALA D 30 20.43 22.80 -7.79
C ALA D 30 20.12 23.64 -6.59
N LEU D 31 18.86 23.60 -6.17
CA LEU D 31 18.40 24.29 -5.00
C LEU D 31 18.06 23.26 -3.93
N VAL D 32 18.69 23.37 -2.77
CA VAL D 32 18.50 22.44 -1.69
C VAL D 32 18.05 23.23 -0.46
N THR D 33 16.81 23.03 -0.03
CA THR D 33 16.27 23.73 1.13
C THR D 33 16.62 22.98 2.40
N GLY D 34 16.73 23.72 3.50
CA GLY D 34 17.18 23.14 4.76
C GLY D 34 18.62 22.57 4.68
N ALA D 35 19.54 23.31 4.07
CA ALA D 35 20.87 22.82 3.77
C ALA D 35 21.95 23.04 4.83
N SER D 36 21.60 23.56 5.99
CA SER D 36 22.62 24.01 6.94
C SER D 36 23.15 22.91 7.88
N ARG D 37 22.37 21.85 8.08
CA ARG D 37 22.80 20.75 8.94
C ARG D 37 22.38 19.38 8.36
N GLY D 38 22.89 18.33 8.97
CA GLY D 38 22.45 16.96 8.75
C GLY D 38 22.24 16.54 7.32
N ILE D 39 21.04 16.03 7.06
CA ILE D 39 20.69 15.48 5.79
C ILE D 39 20.78 16.51 4.65
N GLY D 40 20.20 17.68 4.87
CA GLY D 40 20.27 18.75 3.91
C GLY D 40 21.69 19.15 3.53
N GLN D 41 22.56 19.27 4.53
CA GLN D 41 23.97 19.60 4.26
C GLN D 41 24.59 18.54 3.38
N ALA D 42 24.42 17.30 3.79
CA ALA D 42 25.01 16.19 3.07
C ALA D 42 24.46 16.13 1.63
N ILE D 43 23.17 16.40 1.42
CA ILE D 43 22.63 16.50 0.07
C ILE D 43 23.33 17.60 -0.75
N ALA D 44 23.53 18.76 -0.12
CA ALA D 44 24.20 19.87 -0.81
C ALA D 44 25.60 19.50 -1.26
N LEU D 45 26.38 18.93 -0.37
CA LEU D 45 27.74 18.49 -0.70
C LEU D 45 27.74 17.37 -1.75
N GLU D 46 26.78 16.45 -1.69
CA GLU D 46 26.77 15.37 -2.66
C GLU D 46 26.43 15.89 -4.06
N LEU D 47 25.48 16.81 -4.17
CA LEU D 47 25.21 17.40 -5.51
C LEU D 47 26.37 18.25 -5.97
N GLY D 48 27.07 18.87 -5.03
CA GLY D 48 28.29 19.61 -5.35
C GLY D 48 29.34 18.69 -5.88
N ARG D 49 29.63 17.65 -5.14
CA ARG D 49 30.57 16.65 -5.60
C ARG D 49 30.24 16.23 -7.04
N LEU D 50 28.97 16.09 -7.39
CA LEU D 50 28.58 15.61 -8.73
C LEU D 50 28.63 16.70 -9.82
N GLY D 51 28.96 17.93 -9.44
CA GLY D 51 29.25 18.99 -10.41
C GLY D 51 28.21 20.08 -10.53
N ALA D 52 27.16 20.00 -9.74
CA ALA D 52 26.10 20.99 -9.78
C ALA D 52 26.58 22.25 -9.10
N VAL D 53 26.01 23.37 -9.52
CA VAL D 53 26.13 24.62 -8.77
C VAL D 53 25.01 24.61 -7.74
N VAL D 54 25.36 24.75 -6.49
CA VAL D 54 24.43 24.49 -5.40
C VAL D 54 24.05 25.74 -4.63
N ILE D 55 22.75 26.00 -4.58
CA ILE D 55 22.17 26.98 -3.69
C ILE D 55 21.49 26.27 -2.53
N GLY D 56 22.06 26.39 -1.34
CA GLY D 56 21.46 25.82 -0.14
C GLY D 56 20.75 26.94 0.59
N THR D 57 19.68 26.62 1.31
CA THR D 57 18.92 27.64 2.02
C THR D 57 18.68 27.26 3.46
N ALA D 58 18.48 28.29 4.27
CA ALA D 58 18.05 28.13 5.63
C ALA D 58 17.07 29.26 5.91
N THR D 59 16.46 29.22 7.09
CA THR D 59 15.47 30.20 7.48
C THR D 59 16.08 31.43 8.11
N SER D 60 17.36 31.37 8.45
CA SER D 60 18.04 32.50 9.05
C SER D 60 19.35 32.87 8.35
N ALA D 61 19.76 34.10 8.58
CA ALA D 61 21.01 34.64 8.06
C ALA D 61 22.23 33.87 8.53
N SER D 62 22.25 33.44 9.79
CA SER D 62 23.41 32.69 10.28
C SER D 62 23.54 31.30 9.64
N GLY D 63 22.42 30.65 9.36
CA GLY D 63 22.41 29.42 8.60
C GLY D 63 22.82 29.58 7.13
N ALA D 64 22.31 30.61 6.48
CA ALA D 64 22.76 30.91 5.12
C ALA D 64 24.29 31.11 5.07
N GLU D 65 24.82 31.85 6.04
CA GLU D 65 26.27 32.02 6.13
C GLU D 65 26.98 30.70 6.30
N LYS D 66 26.55 29.90 7.25
CA LYS D 66 27.19 28.60 7.49
C LYS D 66 27.18 27.69 6.26
N ILE D 67 26.07 27.68 5.55
CA ILE D 67 25.98 27.00 4.25
C ILE D 67 27.07 27.47 3.26
N ALA D 68 27.22 28.78 3.09
CA ALA D 68 28.20 29.31 2.13
C ALA D 68 29.62 28.91 2.48
N GLU D 69 29.93 28.98 3.77
CA GLU D 69 31.22 28.60 4.28
C GLU D 69 31.46 27.12 4.03
N THR D 70 30.45 26.30 4.31
CA THR D 70 30.54 24.86 4.11
C THR D 70 30.79 24.55 2.65
N LEU D 71 30.08 25.22 1.76
CA LEU D 71 30.26 24.98 0.33
C LEU D 71 31.65 25.36 -0.15
N LYS D 72 32.11 26.54 0.27
CA LYS D 72 33.44 27.03 -0.07
C LYS D 72 34.54 26.06 0.40
N ALA D 73 34.42 25.62 1.65
CA ALA D 73 35.39 24.71 2.25
C ALA D 73 35.46 23.35 1.58
N ASN D 74 34.46 23.00 0.77
CA ASN D 74 34.47 21.75 0.02
C ASN D 74 34.52 21.97 -1.46
N GLY D 75 34.88 23.18 -1.86
CA GLY D 75 35.13 23.53 -3.25
C GLY D 75 33.93 23.34 -4.15
N VAL D 76 32.76 23.77 -3.65
CA VAL D 76 31.53 23.69 -4.40
C VAL D 76 31.10 25.10 -4.69
N GLU D 77 30.88 25.39 -5.96
CA GLU D 77 30.35 26.65 -6.34
C GLU D 77 28.87 26.74 -6.01
N GLY D 78 28.44 27.93 -5.61
CA GLY D 78 27.07 28.16 -5.26
C GLY D 78 26.89 29.24 -4.19
N ALA D 79 25.83 29.15 -3.41
CA ALA D 79 25.53 30.13 -2.37
C ALA D 79 24.66 29.56 -1.26
N GLY D 80 24.60 30.31 -0.15
CA GLY D 80 23.63 30.08 0.92
C GLY D 80 22.71 31.27 0.96
N LEU D 81 21.41 31.04 0.91
CA LEU D 81 20.43 32.09 0.96
C LEU D 81 19.38 31.80 1.99
N VAL D 82 18.64 32.84 2.34
CA VAL D 82 17.61 32.72 3.33
C VAL D 82 16.33 32.51 2.55
N LEU D 83 15.59 31.50 2.95
CA LEU D 83 14.38 31.16 2.29
C LEU D 83 13.44 30.65 3.35
N ASP D 84 12.24 31.21 3.36
CA ASP D 84 11.14 30.73 4.20
C ASP D 84 10.11 30.11 3.25
N VAL D 85 10.07 28.78 3.22
CA VAL D 85 9.22 28.07 2.26
C VAL D 85 7.74 28.23 2.60
N SER D 86 7.41 28.71 3.79
CA SER D 86 6.02 29.02 4.14
C SER D 86 5.46 30.33 3.54
N SER D 87 6.34 31.12 2.91
CA SER D 87 5.97 32.45 2.44
C SER D 87 6.06 32.61 0.92
N ASP D 88 4.93 32.89 0.26
CA ASP D 88 4.89 33.18 -1.19
C ASP D 88 5.88 34.27 -1.62
N GLU D 89 6.00 35.31 -0.80
CA GLU D 89 6.94 36.39 -1.06
C GLU D 89 8.39 35.92 -0.99
N SER D 90 8.74 35.24 0.09
CA SER D 90 10.10 34.74 0.24
C SER D 90 10.48 33.85 -0.91
N VAL D 91 9.58 32.95 -1.29
CA VAL D 91 9.81 32.03 -2.43
C VAL D 91 10.00 32.78 -3.76
N ALA D 92 9.08 33.70 -4.11
CA ALA D 92 9.21 34.42 -5.39
C ALA D 92 10.53 35.20 -5.45
N ALA D 93 10.87 35.85 -4.36
CA ALA D 93 12.06 36.74 -4.32
C ALA D 93 13.35 35.92 -4.39
N THR D 94 13.39 34.84 -3.62
CA THR D 94 14.54 33.99 -3.65
C THR D 94 14.73 33.41 -5.05
N LEU D 95 13.66 32.93 -5.65
CA LEU D 95 13.77 32.42 -7.02
C LEU D 95 14.28 33.48 -8.01
N GLU D 96 13.74 34.68 -7.94
CA GLU D 96 14.19 35.77 -8.83
C GLU D 96 15.67 36.09 -8.64
N HIS D 97 16.09 36.15 -7.39
CA HIS D 97 17.49 36.37 -7.09
C HIS D 97 18.37 35.27 -7.70
N ILE D 98 17.96 34.02 -7.52
CA ILE D 98 18.69 32.91 -8.09
C ILE D 98 18.70 32.99 -9.62
N GLN D 99 17.56 33.34 -10.24
CA GLN D 99 17.50 33.54 -11.69
C GLN D 99 18.47 34.62 -12.19
N GLN D 100 18.47 35.76 -11.51
CA GLN D 100 19.33 36.89 -11.88
C GLN D 100 20.83 36.53 -11.83
N HIS D 101 21.25 35.86 -10.75
CA HIS D 101 22.68 35.70 -10.50
C HIS D 101 23.28 34.37 -10.93
N LEU D 102 22.47 33.32 -11.01
CA LEU D 102 23.01 31.97 -11.31
C LEU D 102 22.36 31.25 -12.44
N GLY D 103 21.05 31.37 -12.55
CA GLY D 103 20.27 30.65 -13.55
C GLY D 103 19.07 29.94 -12.92
N GLN D 104 18.33 29.24 -13.76
CA GLN D 104 17.13 28.52 -13.37
C GLN D 104 17.51 27.24 -12.61
N PRO D 105 17.04 27.08 -11.36
CA PRO D 105 17.34 25.82 -10.72
C PRO D 105 16.51 24.71 -11.34
N LEU D 106 17.18 23.70 -11.89
CA LEU D 106 16.50 22.59 -12.53
C LEU D 106 16.48 21.33 -11.64
N ILE D 107 17.19 21.38 -10.53
CA ILE D 107 17.18 20.33 -9.52
C ILE D 107 16.79 21.00 -8.20
N VAL D 108 15.70 20.55 -7.62
CA VAL D 108 15.16 21.15 -6.43
C VAL D 108 14.83 20.04 -5.45
N VAL D 109 15.47 20.13 -4.29
CA VAL D 109 15.37 19.14 -3.23
C VAL D 109 14.71 19.82 -2.05
N ASN D 110 13.49 19.40 -1.74
CA ASN D 110 12.76 19.97 -0.62
C ASN D 110 13.08 19.18 0.62
N ASN D 111 13.82 19.81 1.51
CA ASN D 111 14.17 19.19 2.76
C ASN D 111 13.73 19.99 3.98
N ALA D 112 13.52 21.30 3.82
CA ALA D 112 13.01 22.18 4.89
C ALA D 112 11.64 21.69 5.42
N GLY D 113 11.62 21.28 6.70
CA GLY D 113 10.44 20.66 7.30
C GLY D 113 10.00 21.18 8.65
N ILE D 114 9.92 20.31 9.65
CA ILE D 114 9.23 20.61 10.94
C ILE D 114 9.96 21.66 11.83
N THR D 115 9.23 22.68 12.30
CA THR D 115 9.75 23.65 13.29
C THR D 115 9.17 23.42 14.70
N VAL D 121 7.76 20.82 25.65
CA VAL D 121 7.21 19.47 25.76
C VAL D 121 7.61 18.60 24.55
N ARG D 122 7.65 17.28 24.77
CA ARG D 122 7.83 16.29 23.69
C ARG D 122 6.63 16.35 22.71
N MET D 123 6.69 15.58 21.62
CA MET D 123 5.59 15.58 20.66
C MET D 123 4.59 14.47 20.96
N LYS D 124 3.33 14.74 20.60
CA LYS D 124 2.19 13.87 20.89
C LYS D 124 1.56 13.30 19.60
N ASP D 125 0.63 12.37 19.81
CA ASP D 125 -0.14 11.77 18.68
C ASP D 125 -1.25 12.65 18.09
N ASP D 126 -1.34 13.94 18.45
CA ASP D 126 -2.34 14.85 17.86
C ASP D 126 -1.72 15.98 16.99
N GLU D 127 -0.39 15.97 16.81
CA GLU D 127 0.43 17.00 16.08
C GLU D 127 0.59 16.68 14.60
N TRP D 128 0.31 15.43 14.25
CA TRP D 128 0.37 14.98 12.89
C TRP D 128 -0.34 15.92 11.94
N PHE D 129 -1.57 16.27 12.23
CA PHE D 129 -2.35 16.87 11.16
C PHE D 129 -1.67 18.13 10.69
N ASP D 130 -1.34 19.00 11.61
CA ASP D 130 -0.74 20.27 11.29
C ASP D 130 0.63 20.21 10.66
N VAL D 131 1.45 19.35 11.24
CA VAL D 131 2.78 19.14 10.73
C VAL D 131 2.71 18.76 9.26
N VAL D 132 1.88 17.77 8.93
CA VAL D 132 1.85 17.26 7.55
C VAL D 132 1.25 18.30 6.60
N ASN D 133 0.18 18.94 7.03
CA ASN D 133 -0.47 19.97 6.25
C ASN D 133 0.44 21.14 5.92
N THR D 134 1.19 21.58 6.93
CA THR D 134 2.16 22.67 6.73
C THR D 134 3.29 22.22 5.79
N ASN D 135 3.79 20.99 5.96
CA ASN D 135 4.83 20.50 5.04
C ASN D 135 4.38 20.44 3.60
N LEU D 136 3.20 19.87 3.32
CA LEU D 136 2.78 19.70 1.94
C LEU D 136 2.42 21.02 1.28
N ASN D 137 1.92 21.98 2.05
CA ASN D 137 1.70 23.35 1.53
C ASN D 137 3.02 23.99 1.10
N SER D 138 4.07 23.76 1.88
CA SER D 138 5.40 24.20 1.51
C SER D 138 5.93 23.51 0.27
N LEU D 139 5.82 22.19 0.19
CA LEU D 139 6.26 21.48 -1.01
C LEU D 139 5.55 22.04 -2.23
N TYR D 140 4.25 22.27 -2.12
CA TYR D 140 3.47 22.63 -3.28
C TYR D 140 3.91 24.01 -3.74
N ARG D 141 3.99 24.94 -2.79
CA ARG D 141 4.37 26.32 -3.08
C ARG D 141 5.72 26.41 -3.82
N LEU D 142 6.74 25.79 -3.24
CA LEU D 142 8.04 25.84 -3.86
C LEU D 142 8.09 25.11 -5.20
N SER D 143 7.45 23.94 -5.24
CA SER D 143 7.42 23.14 -6.46
C SER D 143 6.80 23.94 -7.59
N LYS D 144 5.62 24.50 -7.32
CA LYS D 144 4.88 25.27 -8.32
C LYS D 144 5.74 26.41 -8.89
N ALA D 145 6.50 27.06 -8.02
CA ALA D 145 7.27 28.22 -8.44
C ALA D 145 8.47 27.84 -9.29
N VAL D 146 9.05 26.65 -9.09
CA VAL D 146 10.22 26.26 -9.88
C VAL D 146 9.83 25.56 -11.16
N LEU D 147 8.55 25.19 -11.30
CA LEU D 147 8.09 24.46 -12.48
C LEU D 147 8.17 25.26 -13.77
N ARG D 148 7.99 26.56 -13.66
CA ARG D 148 8.00 27.40 -14.84
C ARG D 148 9.34 27.28 -15.54
N GLY D 149 10.45 27.40 -14.79
CA GLY D 149 11.78 27.24 -15.35
C GLY D 149 12.09 25.83 -15.86
N MET D 150 11.54 24.81 -15.20
CA MET D 150 11.79 23.43 -15.63
C MET D 150 10.99 23.13 -16.89
N THR D 151 9.76 23.66 -16.92
CA THR D 151 8.91 23.60 -18.12
C THR D 151 9.61 24.22 -19.34
N LYS D 152 10.19 25.41 -19.17
CA LYS D 152 10.94 26.07 -20.25
C LYS D 152 12.09 25.24 -20.77
N ALA D 153 12.87 24.68 -19.86
CA ALA D 153 14.02 23.85 -20.24
C ALA D 153 13.61 22.43 -20.69
N ARG D 154 12.34 22.06 -20.48
CA ARG D 154 11.87 20.72 -20.78
C ARG D 154 12.73 19.67 -20.10
N TRP D 155 13.10 19.95 -18.86
CA TRP D 155 13.88 19.02 -18.05
C TRP D 155 13.79 19.46 -16.58
N GLY D 156 13.73 18.50 -15.68
CA GLY D 156 13.77 18.84 -14.26
C GLY D 156 13.81 17.64 -13.33
N ARG D 157 14.22 17.89 -12.10
CA ARG D 157 14.24 16.95 -11.01
C ARG D 157 13.75 17.62 -9.76
N ILE D 158 12.62 17.13 -9.21
CA ILE D 158 12.16 17.54 -7.89
C ILE D 158 12.24 16.34 -6.95
N ILE D 159 12.88 16.52 -5.81
CA ILE D 159 13.10 15.43 -4.88
C ILE D 159 12.70 15.90 -3.49
N ASN D 160 11.77 15.15 -2.89
CA ASN D 160 11.20 15.50 -1.61
C ASN D 160 11.76 14.59 -0.51
N ILE D 161 12.30 15.16 0.55
CA ILE D 161 12.88 14.37 1.62
C ILE D 161 11.90 14.25 2.75
N GLY D 162 11.54 13.03 3.14
CA GLY D 162 10.63 12.81 4.27
C GLY D 162 11.29 13.05 5.62
N SER D 163 10.52 13.02 6.70
CA SER D 163 11.10 13.34 8.01
C SER D 163 11.70 12.08 8.57
N VAL D 164 12.82 12.27 9.24
CA VAL D 164 13.46 11.15 9.92
C VAL D 164 12.63 10.63 11.11
N VAL D 165 12.79 9.36 11.40
CA VAL D 165 12.15 8.76 12.55
C VAL D 165 12.79 9.32 13.80
N GLY D 166 11.98 10.07 14.58
CA GLY D 166 12.38 11.14 15.50
C GLY D 166 11.94 11.03 16.98
N ALA D 167 10.88 10.24 17.24
CA ALA D 167 10.43 9.91 18.60
C ALA D 167 9.97 8.44 18.71
N MET D 168 10.28 7.80 19.84
CA MET D 168 10.18 6.34 19.97
C MET D 168 8.77 5.74 20.15
N GLY D 169 7.82 6.46 20.77
CA GLY D 169 6.56 5.84 21.19
C GLY D 169 5.49 5.68 20.13
N ASN D 170 4.23 5.85 20.55
CA ASN D 170 3.09 5.84 19.62
C ASN D 170 2.93 7.20 18.96
N ALA D 171 3.10 8.28 19.72
CA ALA D 171 3.01 9.64 19.19
C ALA D 171 3.99 9.78 18.03
N GLY D 172 5.22 9.32 18.25
CA GLY D 172 6.28 9.45 17.26
C GLY D 172 6.07 8.58 16.04
N GLN D 173 5.54 7.38 16.25
CA GLN D 173 5.22 6.48 15.17
C GLN D 173 4.04 7.04 14.31
N THR D 174 3.03 7.63 14.96
CA THR D 174 1.87 8.23 14.29
C THR D 174 2.26 9.40 13.37
N ASN D 175 3.08 10.30 13.89
CA ASN D 175 3.52 11.46 13.12
C ASN D 175 4.40 11.05 11.95
N TYR D 176 5.27 10.06 12.20
CA TYR D 176 6.14 9.57 11.14
C TYR D 176 5.36 8.89 10.01
N ALA D 177 4.42 8.02 10.37
CA ALA D 177 3.63 7.31 9.38
C ALA D 177 2.77 8.27 8.58
N ALA D 178 2.23 9.27 9.27
CA ALA D 178 1.32 10.23 8.63
C ALA D 178 2.10 11.09 7.65
N ALA D 179 3.28 11.54 8.06
CA ALA D 179 4.15 12.34 7.21
C ALA D 179 4.65 11.56 6.04
N LYS D 180 4.94 10.28 6.23
CA LYS D 180 5.37 9.44 5.10
C LYS D 180 4.21 9.23 4.07
N ALA D 181 3.02 8.95 4.59
CA ALA D 181 1.85 8.76 3.73
C ALA D 181 1.54 10.01 2.88
N GLY D 182 1.59 11.17 3.48
CA GLY D 182 1.31 12.42 2.75
C GLY D 182 2.35 12.69 1.69
N LEU D 183 3.61 12.53 2.08
CA LEU D 183 4.71 12.67 1.19
C LEU D 183 4.59 11.77 -0.06
N GLU D 184 4.20 10.53 0.14
CA GLU D 184 3.99 9.58 -0.97
C GLU D 184 2.89 10.01 -1.90
N GLY D 185 1.72 10.33 -1.35
CA GLY D 185 0.57 10.65 -2.19
C GLY D 185 0.82 11.93 -2.95
N PHE D 186 1.40 12.91 -2.27
CA PHE D 186 1.73 14.18 -2.90
C PHE D 186 2.75 14.00 -4.02
N THR D 187 3.80 13.26 -3.74
CA THR D 187 4.84 12.99 -4.71
C THR D 187 4.30 12.32 -5.98
N ARG D 188 3.44 11.34 -5.79
CA ARG D 188 2.90 10.58 -6.87
C ARG D 188 1.99 11.53 -7.71
N ALA D 189 1.18 12.36 -7.04
CA ALA D 189 0.23 13.21 -7.77
C ALA D 189 0.98 14.29 -8.57
N LEU D 190 2.00 14.90 -7.98
CA LEU D 190 2.71 15.93 -8.69
C LEU D 190 3.45 15.32 -9.88
N ALA D 191 4.07 14.16 -9.67
CA ALA D 191 4.75 13.46 -10.73
C ALA D 191 3.81 13.25 -11.92
N ARG D 192 2.56 12.88 -11.66
CA ARG D 192 1.60 12.69 -12.77
C ARG D 192 1.24 13.95 -13.53
N GLU D 193 1.12 15.07 -12.81
CA GLU D 193 0.81 16.36 -13.42
C GLU D 193 1.92 16.84 -14.34
N VAL D 194 3.17 16.69 -13.94
CA VAL D 194 4.28 17.37 -14.66
C VAL D 194 5.11 16.48 -15.56
N GLY D 195 4.82 15.20 -15.55
CA GLY D 195 5.61 14.23 -16.31
C GLY D 195 5.72 14.49 -17.78
N SER D 196 4.63 14.90 -18.41
CA SER D 196 4.65 15.16 -19.85
C SER D 196 5.75 16.14 -20.22
N ARG D 197 6.27 16.89 -19.26
CA ARG D 197 7.35 17.87 -19.50
C ARG D 197 8.76 17.36 -19.21
N ALA D 198 8.88 16.05 -19.00
CA ALA D 198 10.19 15.43 -18.68
C ALA D 198 10.78 15.99 -17.37
N ILE D 199 9.91 16.13 -16.40
CA ILE D 199 10.29 16.49 -15.06
C ILE D 199 9.91 15.32 -14.17
N THR D 200 10.85 14.78 -13.42
CA THR D 200 10.56 13.69 -12.50
C THR D 200 10.38 14.26 -11.10
N VAL D 201 9.48 13.64 -10.36
CA VAL D 201 9.24 14.03 -8.98
C VAL D 201 9.31 12.76 -8.13
N ASN D 202 10.29 12.70 -7.23
CA ASN D 202 10.42 11.56 -6.37
C ASN D 202 10.62 11.96 -4.95
N ALA D 203 10.62 10.95 -4.08
CA ALA D 203 10.82 11.18 -2.67
C ALA D 203 11.75 10.16 -2.08
N VAL D 204 12.36 10.55 -0.96
CA VAL D 204 13.22 9.68 -0.21
C VAL D 204 12.73 9.70 1.22
N ALA D 205 12.42 8.52 1.76
CA ALA D 205 11.84 8.36 3.08
C ALA D 205 12.84 7.76 4.06
N PRO D 206 13.52 8.59 4.83
CA PRO D 206 14.55 8.06 5.68
C PRO D 206 13.98 7.40 6.90
N GLY D 207 14.70 6.38 7.39
CA GLY D 207 14.33 5.68 8.62
C GLY D 207 14.99 6.38 9.79
N PHE D 208 15.70 5.61 10.61
CA PHE D 208 16.45 6.11 11.74
CA PHE D 208 16.45 6.14 11.73
C PHE D 208 17.84 6.57 11.28
N ILE D 209 18.05 7.87 11.18
CA ILE D 209 19.32 8.41 10.69
C ILE D 209 20.06 9.04 11.82
N ASP D 210 21.39 8.95 11.75
CA ASP D 210 22.28 9.61 12.69
C ASP D 210 22.32 11.13 12.43
N THR D 211 21.60 11.90 13.23
CA THR D 211 21.57 13.37 13.13
C THR D 211 21.53 13.99 14.54
N ASP D 212 21.40 15.32 14.60
CA ASP D 212 21.31 16.05 15.88
C ASP D 212 20.13 15.59 16.73
N MET D 213 18.97 15.40 16.08
CA MET D 213 17.77 14.95 16.79
C MET D 213 17.95 13.57 17.43
N THR D 214 18.55 12.64 16.69
CA THR D 214 18.61 11.23 17.12
C THR D 214 19.75 10.91 18.10
N ARG D 215 20.76 11.78 18.15
CA ARG D 215 21.86 11.62 19.10
C ARG D 215 21.42 12.01 20.51
N GLU D 216 20.40 12.88 20.59
CA GLU D 216 19.88 13.37 21.87
C GLU D 216 18.49 12.82 22.21
N LEU D 217 18.19 11.66 21.66
CA LEU D 217 17.18 10.79 22.25
C LEU D 217 17.83 10.05 23.41
N PRO D 218 17.07 9.81 24.50
CA PRO D 218 17.66 9.00 25.58
C PRO D 218 18.02 7.62 25.10
N GLU D 219 19.07 7.04 25.70
CA GLU D 219 19.63 5.77 25.23
C GLU D 219 18.64 4.61 25.23
N ALA D 220 17.67 4.58 26.14
CA ALA D 220 16.68 3.50 26.13
C ALA D 220 15.82 3.54 24.87
N GLN D 221 15.34 4.73 24.50
CA GLN D 221 14.52 4.89 23.30
C GLN D 221 15.31 4.59 22.03
N ARG D 222 16.57 4.98 22.03
CA ARG D 222 17.45 4.80 20.89
C ARG D 222 17.83 3.32 20.68
N GLU D 223 18.23 2.64 21.75
CA GLU D 223 18.67 1.23 21.73
C GLU D 223 17.50 0.31 21.37
N ALA D 224 16.30 0.66 21.81
CA ALA D 224 15.10 -0.04 21.35
C ALA D 224 14.95 0.03 19.81
N LEU D 225 15.27 1.18 19.22
CA LEU D 225 15.13 1.32 17.75
C LEU D 225 16.06 0.44 16.92
N LEU D 226 17.30 0.27 17.38
CA LEU D 226 18.25 -0.61 16.70
C LEU D 226 17.75 -2.02 16.54
N GLY D 227 17.03 -2.50 17.55
CA GLY D 227 16.49 -3.85 17.51
C GLY D 227 15.37 -4.04 16.51
N GLN D 228 14.78 -2.94 16.06
CA GLN D 228 13.78 -2.97 14.99
C GLN D 228 14.39 -2.80 13.59
N ILE D 229 15.71 -2.64 13.50
CA ILE D 229 16.39 -2.39 12.21
C ILE D 229 17.25 -3.60 11.80
N PRO D 230 16.82 -4.34 10.76
CA PRO D 230 17.59 -5.48 10.24
C PRO D 230 19.09 -5.25 10.03
N LEU D 231 19.48 -4.13 9.46
CA LEU D 231 20.93 -3.85 9.32
C LEU D 231 21.61 -3.64 10.68
N GLY D 232 20.84 -3.42 11.75
CA GLY D 232 21.42 -3.32 13.08
C GLY D 232 22.29 -2.07 13.26
N ARG D 233 22.02 -1.01 12.52
CA ARG D 233 22.69 0.28 12.75
C ARG D 233 21.80 1.45 12.31
N LEU D 234 22.16 2.65 12.73
CA LEU D 234 21.58 3.88 12.19
C LEU D 234 22.13 4.13 10.83
N GLY D 235 21.34 4.76 9.98
CA GLY D 235 21.85 5.23 8.71
C GLY D 235 22.60 6.54 8.87
N GLN D 236 23.48 6.82 7.91
CA GLN D 236 24.21 8.09 7.91
C GLN D 236 23.53 9.08 6.97
N ALA D 237 23.73 10.37 7.25
CA ALA D 237 23.23 11.43 6.40
C ALA D 237 23.68 11.28 4.94
N GLU D 238 24.95 10.94 4.76
CA GLU D 238 25.54 10.68 3.46
C GLU D 238 24.79 9.59 2.68
N GLU D 239 24.19 8.65 3.40
CA GLU D 239 23.50 7.53 2.75
C GLU D 239 22.14 7.93 2.19
N ILE D 240 21.54 8.97 2.77
CA ILE D 240 20.36 9.56 2.20
C ILE D 240 20.80 10.36 0.96
N ALA D 241 21.88 11.12 1.11
CA ALA D 241 22.38 11.99 0.04
C ALA D 241 22.78 11.29 -1.25
N LYS D 242 23.33 10.08 -1.14
CA LYS D 242 23.71 9.32 -2.34
C LYS D 242 22.47 8.92 -3.16
N VAL D 243 21.38 8.60 -2.47
CA VAL D 243 20.12 8.25 -3.15
C VAL D 243 19.57 9.46 -3.90
N VAL D 244 19.59 10.62 -3.24
CA VAL D 244 19.16 11.85 -3.85
C VAL D 244 20.01 12.18 -5.09
N GLY D 245 21.32 12.01 -4.99
CA GLY D 245 22.22 12.30 -6.10
C GLY D 245 22.00 11.36 -7.28
N PHE D 246 21.66 10.12 -7.00
CA PHE D 246 21.27 9.25 -8.05
C PHE D 246 19.95 9.69 -8.75
N LEU D 247 18.95 10.03 -7.97
CA LEU D 247 17.65 10.41 -8.53
C LEU D 247 17.76 11.65 -9.40
N ALA D 248 18.73 12.50 -9.09
CA ALA D 248 18.95 13.72 -9.84
C ALA D 248 19.63 13.49 -11.19
N SER D 249 20.18 12.30 -11.37
CA SER D 249 21.02 12.02 -12.53
C SER D 249 20.19 11.66 -13.77
N ASP D 250 20.83 11.55 -14.92
CA ASP D 250 20.12 11.24 -16.17
C ASP D 250 19.68 9.81 -16.16
N GLY D 251 20.39 8.98 -15.41
CA GLY D 251 20.08 7.58 -15.36
C GLY D 251 18.81 7.25 -14.60
N ALA D 252 18.34 8.16 -13.76
CA ALA D 252 17.09 7.94 -13.03
C ALA D 252 15.94 8.61 -13.78
N ALA D 253 16.11 8.82 -15.08
CA ALA D 253 15.10 9.57 -15.86
C ALA D 253 13.75 8.88 -16.00
N TYR D 254 13.70 7.56 -15.88
CA TYR D 254 12.41 6.88 -15.97
C TYR D 254 11.83 6.58 -14.59
N VAL D 255 12.50 7.06 -13.52
CA VAL D 255 11.98 6.93 -12.17
C VAL D 255 11.20 8.20 -11.86
N THR D 256 9.89 8.09 -11.71
CA THR D 256 9.12 9.22 -11.24
C THR D 256 7.91 8.74 -10.49
N GLY D 257 7.50 9.54 -9.51
CA GLY D 257 6.37 9.20 -8.64
C GLY D 257 6.72 8.22 -7.55
N ALA D 258 8.02 7.95 -7.35
CA ALA D 258 8.47 6.95 -6.44
C ALA D 258 8.86 7.56 -5.15
N THR D 259 8.61 6.82 -4.07
CA THR D 259 9.17 7.13 -2.77
C THR D 259 10.14 6.00 -2.43
N VAL D 260 11.43 6.32 -2.40
CA VAL D 260 12.46 5.37 -2.11
C VAL D 260 12.73 5.36 -0.60
N PRO D 261 12.40 4.25 0.06
CA PRO D 261 12.68 4.15 1.50
C PRO D 261 14.15 3.80 1.76
N VAL D 262 14.74 4.51 2.74
CA VAL D 262 16.14 4.37 3.06
C VAL D 262 16.22 4.20 4.58
N ASN D 263 15.92 2.98 5.03
CA ASN D 263 15.65 2.70 6.43
C ASN D 263 16.25 1.41 6.98
N GLY D 264 17.17 0.81 6.24
CA GLY D 264 17.86 -0.38 6.74
C GLY D 264 16.94 -1.55 6.98
N GLY D 265 15.78 -1.53 6.35
CA GLY D 265 14.85 -2.63 6.46
C GLY D 265 13.81 -2.52 7.56
N MET D 266 13.76 -1.41 8.24
CA MET D 266 12.60 -1.27 9.12
C MET D 266 11.52 -0.39 8.50
N TYR D 267 10.36 -1.01 8.33
CA TYR D 267 9.23 -0.38 7.70
C TYR D 267 8.09 -0.20 8.70
N MET D 268 7.68 1.05 8.91
CA MET D 268 6.54 1.32 9.77
C MET D 268 5.56 2.30 9.07
N SER D 269 4.35 1.81 8.78
CA SER D 269 3.26 2.56 8.17
C SER D 269 2.04 2.48 9.14
#